data_2B5I
#
_entry.id   2B5I
#
_cell.length_a   113.913
_cell.length_b   87.709
_cell.length_c   130.177
_cell.angle_alpha   90.00
_cell.angle_beta   116.32
_cell.angle_gamma   90.00
#
_symmetry.space_group_name_H-M   'C 1 2 1'
#
loop_
_entity.id
_entity.type
_entity.pdbx_description
1 polymer Interleukin-2
2 polymer 'Interleukin-2 receptor beta chain'
3 polymer 'Cytokine receptor common gamma chain'
4 polymer 'Interleukin-2 receptor alpha chain'
5 branched 2-acetamido-2-deoxy-beta-D-glucopyranose-(1-4)-2-acetamido-2-deoxy-beta-D-glucopyranose
6 non-polymer 2-acetamido-2-deoxy-beta-D-glucopyranose
7 water water
#
loop_
_entity_poly.entity_id
_entity_poly.type
_entity_poly.pdbx_seq_one_letter_code
_entity_poly.pdbx_strand_id
1 'polypeptide(L)'
;APTSSSTKKTQLQLEHLLLDLQMILNGINNYKNPKLTRMLTFKFYMPKKATELKHLQCLEEELKPLEEVLNLAQSKNFHL
RPRDLISNINVIVLELKGSETTFMCEYADETATIVEFLNRWITFCQSIISTLT
;
A
2 'polypeptide(L)'
;AVQGTSQFTCFYNSRAQISCVWSQDGALQDTSCQVHAWPDRRRWQQTCELLPVSQASWACNLILGAPDSQKLTTVDIVTL
RVLCREGVRWRVMAIQDFKPFENLRLMAPISLQVVHVETHRCNISWEISQASHYFERHLEFEARTLSPGHTWEEAPLLTL
KQKQEWICLETLTPDTQYEFQVRVKPLQGEFTTWSPWSQPLAFRTKPAALGKDT
;
B
3 'polypeptide(L)'
;PLPEVQCFVFNVEYMNCTWQSSSEPQPTNLTLHYWYKNSDNDKVQKCSHYLFSEEITSGCQLQKKEIHLYQTFVVQLQDP
REPRRQATQMLKLQNLVIPWAPENLTLHKLSESQLELNWNNRFLNHCLEHLVQYRTDWDHSWTEQSVDYRHKFSLPSVDG
QKRYTFRVRSRFNPLCGSAQHWSEWSHPIHWGSNTSKEN
;
C
4 'polypeptide(L)'
;ELCDDDPPEIPHATFKAMAYKEGTMLNCECKRGFRRIKSGSLYMLCTGNSSHSSWDNQCQCTSSATRQTTKQVTPQPEEQ
KERKTTEMQSPMQPVDQASLPGHCREPPPWENEATERIYHFVVGQMVYYQCVQGYRALHRGPAESVCKMTHGKTRWTQPQ
LICTGEMETSQFPGEEKPQASPEGRPESETSCLVTTTDFQIQTEMAATMETSIFTTE
;
D
#
loop_
_chem_comp.id
_chem_comp.type
_chem_comp.name
_chem_comp.formula
NAG D-saccharide, beta linking 2-acetamido-2-deoxy-beta-D-glucopyranose 'C8 H15 N O6'
#
# COMPACT_ATOMS: atom_id res chain seq x y z
N SER A 6 5.30 -23.96 -3.57
CA SER A 6 6.69 -23.54 -3.21
C SER A 6 6.72 -22.24 -2.41
N THR A 7 7.88 -21.96 -1.83
CA THR A 7 8.15 -20.73 -1.08
C THR A 7 7.96 -19.46 -1.91
N LYS A 8 8.39 -19.51 -3.17
CA LYS A 8 8.36 -18.34 -4.07
C LYS A 8 6.94 -17.93 -4.46
N LYS A 9 6.06 -18.92 -4.61
CA LYS A 9 4.62 -18.66 -4.81
C LYS A 9 4.03 -17.97 -3.58
N THR A 10 4.29 -18.55 -2.41
CA THR A 10 3.84 -17.99 -1.14
C THR A 10 4.38 -16.58 -0.93
N GLN A 11 5.68 -16.40 -1.16
CA GLN A 11 6.31 -15.09 -1.03
C GLN A 11 5.69 -14.02 -1.92
N LEU A 12 5.39 -14.37 -3.17
CA LEU A 12 4.70 -13.51 -4.12
C LEU A 12 3.27 -13.17 -3.71
N GLN A 13 2.50 -14.20 -3.33
CA GLN A 13 1.17 -13.97 -2.73
C GLN A 13 1.21 -13.02 -1.55
N LEU A 14 2.20 -13.21 -0.67
CA LEU A 14 2.34 -12.33 0.48
C LEU A 14 2.68 -10.89 0.10
N GLU A 15 3.50 -10.73 -0.94
CA GLU A 15 3.86 -9.38 -1.42
C GLU A 15 2.63 -8.67 -1.98
N HIS A 16 1.80 -9.42 -2.69
CA HIS A 16 0.61 -8.88 -3.32
C HIS A 16 -0.40 -8.43 -2.25
N LEU A 17 -0.64 -9.30 -1.26
CA LEU A 17 -1.38 -8.93 -0.05
C LEU A 17 -0.79 -7.69 0.60
N LEU A 18 0.54 -7.65 0.72
CA LEU A 18 1.22 -6.49 1.32
C LEU A 18 0.88 -5.22 0.55
N LEU A 19 1.03 -5.27 -0.77
CA LEU A 19 0.75 -4.14 -1.62
C LEU A 19 -0.69 -3.65 -1.52
N ASP A 20 -1.64 -4.57 -1.47
CA ASP A 20 -3.06 -4.24 -1.32
C ASP A 20 -3.29 -3.45 0.00
N LEU A 21 -2.73 -3.97 1.10
CA LEU A 21 -2.80 -3.32 2.41
C LEU A 21 -2.09 -1.95 2.42
N GLN A 22 -0.89 -1.89 1.82
CA GLN A 22 -0.14 -0.63 1.77
C GLN A 22 -0.90 0.38 0.91
N MET A 23 -1.57 -0.10 -0.14
CA MET A 23 -2.45 0.78 -0.91
C MET A 23 -3.52 1.43 -0.02
N ILE A 24 -4.23 0.64 0.76
CA ILE A 24 -5.25 1.17 1.68
C ILE A 24 -4.68 2.17 2.70
N LEU A 25 -3.57 1.80 3.31
CA LEU A 25 -2.91 2.66 4.29
C LEU A 25 -2.52 4.00 3.69
N ASN A 26 -1.87 3.98 2.53
CA ASN A 26 -1.45 5.20 1.85
C ASN A 26 -2.65 6.06 1.48
N GLY A 27 -3.70 5.40 1.00
CA GLY A 27 -4.93 6.05 0.59
C GLY A 27 -5.72 6.73 1.69
N ILE A 28 -5.63 6.21 2.91
CA ILE A 28 -6.38 6.79 4.04
C ILE A 28 -5.54 7.66 4.96
N ASN A 29 -4.29 7.26 5.18
CA ASN A 29 -3.38 7.95 6.08
C ASN A 29 -2.64 9.07 5.34
N ASN A 30 -3.35 10.16 5.10
CA ASN A 30 -2.78 11.34 4.45
C ASN A 30 -3.72 12.53 4.53
N TYR A 31 -3.14 13.74 4.46
CA TYR A 31 -3.91 14.95 4.18
C TYR A 31 -4.65 14.73 2.86
N LYS A 32 -5.66 15.56 2.58
CA LYS A 32 -6.59 15.32 1.45
C LYS A 32 -7.47 14.07 1.68
N ASN A 33 -7.53 13.62 2.93
CA ASN A 33 -8.55 12.68 3.40
C ASN A 33 -9.12 13.19 4.72
N PRO A 34 -10.07 14.13 4.64
CA PRO A 34 -10.62 14.78 5.83
C PRO A 34 -11.56 13.87 6.62
N LYS A 35 -11.67 12.61 6.17
CA LYS A 35 -12.47 11.60 6.85
C LYS A 35 -11.67 10.87 7.93
N LEU A 36 -10.35 11.06 7.88
CA LEU A 36 -9.41 10.31 8.73
C LEU A 36 -9.71 10.25 10.23
N THR A 37 -10.06 11.37 10.85
CA THR A 37 -10.26 11.37 12.30
C THR A 37 -11.56 10.67 12.76
N ARG A 38 -12.59 10.71 11.92
CA ARG A 38 -13.82 9.96 12.19
C ARG A 38 -13.59 8.46 11.95
N MET A 39 -12.76 8.16 10.96
CA MET A 39 -12.35 6.79 10.65
C MET A 39 -11.52 6.17 11.78
N LEU A 40 -10.74 7.02 12.45
CA LEU A 40 -9.89 6.62 13.58
C LEU A 40 -10.68 6.16 14.82
N THR A 41 -11.95 6.54 14.92
CA THR A 41 -12.76 6.21 16.09
C THR A 41 -13.32 4.77 16.09
N PHE A 42 -13.32 4.12 14.93
CA PHE A 42 -13.83 2.75 14.83
C PHE A 42 -12.85 1.72 15.38
N LYS A 43 -13.37 0.78 16.16
CA LYS A 43 -12.53 -0.21 16.83
C LYS A 43 -12.33 -1.46 15.98
N PHE A 44 -11.08 -1.70 15.63
CA PHE A 44 -10.71 -2.91 14.93
C PHE A 44 -10.18 -3.93 15.94
N TYR A 45 -10.41 -5.20 15.64
CA TYR A 45 -9.95 -6.27 16.52
C TYR A 45 -8.67 -6.86 15.98
N MET A 46 -7.79 -7.24 16.91
CA MET A 46 -6.40 -7.52 16.63
C MET A 46 -6.01 -8.95 17.03
N PRO A 47 -5.17 -9.60 16.21
CA PRO A 47 -4.74 -10.97 16.50
C PRO A 47 -3.96 -11.04 17.81
N LYS A 48 -4.27 -12.01 18.66
CA LYS A 48 -3.48 -12.30 19.86
C LYS A 48 -2.06 -12.75 19.47
N LYS A 49 -2.01 -13.60 18.44
CA LYS A 49 -0.76 -14.00 17.83
C LYS A 49 -0.92 -14.00 16.33
N ALA A 50 0.12 -13.56 15.66
CA ALA A 50 0.15 -13.57 14.22
C ALA A 50 1.61 -13.74 13.85
N THR A 51 2.02 -15.01 13.75
CA THR A 51 3.37 -15.39 13.36
C THR A 51 3.39 -16.37 12.18
N GLU A 52 2.23 -16.89 11.79
CA GLU A 52 2.16 -17.87 10.72
C GLU A 52 0.89 -17.76 9.91
N LEU A 53 0.92 -18.34 8.71
CA LEU A 53 -0.13 -18.20 7.69
C LEU A 53 -1.57 -18.43 8.17
N LYS A 54 -1.77 -19.38 9.06
CA LYS A 54 -3.11 -19.70 9.56
C LYS A 54 -3.73 -18.60 10.43
N HIS A 55 -2.86 -17.76 11.00
CA HIS A 55 -3.27 -16.62 11.82
C HIS A 55 -3.98 -15.58 10.95
N LEU A 56 -3.83 -15.69 9.63
CA LEU A 56 -4.57 -14.84 8.69
C LEU A 56 -6.10 -14.95 8.81
N GLN A 57 -6.60 -15.99 9.50
CA GLN A 57 -8.01 -16.07 9.89
C GLN A 57 -8.49 -14.79 10.57
N CYS A 58 -7.65 -14.26 11.46
CA CYS A 58 -7.91 -12.98 12.13
C CYS A 58 -8.09 -11.82 11.18
N LEU A 59 -7.33 -11.79 10.09
CA LEU A 59 -7.50 -10.75 9.08
C LEU A 59 -8.82 -10.94 8.33
N GLU A 60 -9.03 -12.13 7.81
CA GLU A 60 -10.23 -12.47 7.06
C GLU A 60 -11.53 -11.98 7.69
N GLU A 61 -11.64 -12.20 9.00
CA GLU A 61 -12.83 -11.91 9.77
C GLU A 61 -13.05 -10.41 9.99
N GLU A 62 -12.06 -9.60 9.66
CA GLU A 62 -12.19 -8.15 9.79
C GLU A 62 -12.32 -7.44 8.44
N LEU A 63 -12.36 -8.21 7.35
CA LEU A 63 -12.48 -7.65 6.01
C LEU A 63 -13.80 -6.90 5.79
N LYS A 64 -14.86 -7.43 6.38
CA LYS A 64 -16.18 -6.83 6.33
C LYS A 64 -16.24 -5.43 6.95
N PRO A 65 -15.89 -5.28 8.24
CA PRO A 65 -15.74 -3.95 8.85
C PRO A 65 -14.69 -3.07 8.15
N LEU A 66 -13.64 -3.66 7.62
CA LEU A 66 -12.65 -2.90 6.84
C LEU A 66 -13.31 -2.17 5.65
N GLU A 67 -14.12 -2.90 4.89
CA GLU A 67 -14.79 -2.35 3.74
C GLU A 67 -15.71 -1.21 4.14
N GLU A 68 -16.36 -1.35 5.30
CA GLU A 68 -17.26 -0.31 5.81
C GLU A 68 -16.54 1.01 6.13
N VAL A 69 -15.44 0.92 6.86
CA VAL A 69 -14.57 2.07 7.10
C VAL A 69 -14.06 2.65 5.79
N LEU A 70 -13.72 1.77 4.86
CA LEU A 70 -13.28 2.19 3.52
C LEU A 70 -14.36 2.97 2.80
N ASN A 71 -15.59 2.43 2.77
CA ASN A 71 -16.73 3.08 2.12
C ASN A 71 -17.01 4.52 2.57
N LEU A 72 -16.36 4.95 3.65
CA LEU A 72 -16.56 6.29 4.19
C LEU A 72 -15.67 7.35 3.55
N ALA A 73 -14.87 6.93 2.57
CA ALA A 73 -14.05 7.85 1.78
C ALA A 73 -14.80 8.36 0.54
N GLN A 74 -14.82 9.69 0.39
CA GLN A 74 -15.49 10.34 -0.74
C GLN A 74 -14.47 10.88 -1.77
N SER A 75 -13.48 10.06 -2.10
CA SER A 75 -12.44 10.46 -3.06
C SER A 75 -12.90 10.31 -4.50
N LEU A 80 -9.45 5.00 -5.00
CA LEU A 80 -9.70 3.84 -4.14
C LEU A 80 -11.07 3.20 -4.40
N ARG A 81 -11.13 1.86 -4.29
CA ARG A 81 -12.25 1.07 -4.83
C ARG A 81 -12.55 -0.20 -4.00
N PRO A 82 -13.24 0.00 -2.87
CA PRO A 82 -13.27 -0.99 -1.77
C PRO A 82 -13.74 -2.39 -2.13
N ARG A 83 -14.80 -2.50 -2.92
CA ARG A 83 -15.43 -3.79 -3.23
C ARG A 83 -14.44 -4.77 -3.89
N ASP A 84 -13.82 -4.34 -5.00
CA ASP A 84 -12.79 -5.14 -5.68
C ASP A 84 -11.63 -5.38 -4.74
N LEU A 85 -11.15 -4.30 -4.15
CA LEU A 85 -9.98 -4.37 -3.31
C LEU A 85 -10.16 -5.40 -2.20
N ILE A 86 -11.31 -5.37 -1.53
CA ILE A 86 -11.60 -6.27 -0.41
C ILE A 86 -11.82 -7.72 -0.89
N SER A 87 -12.45 -7.86 -2.06
CA SER A 87 -12.65 -9.17 -2.69
C SER A 87 -11.30 -9.81 -3.09
N ASN A 88 -10.37 -8.98 -3.58
CA ASN A 88 -9.01 -9.41 -3.90
C ASN A 88 -8.19 -9.84 -2.67
N ILE A 89 -8.25 -9.07 -1.61
CA ILE A 89 -7.58 -9.41 -0.34
C ILE A 89 -8.19 -10.68 0.24
N ASN A 90 -9.51 -10.79 0.15
CA ASN A 90 -10.18 -12.00 0.54
C ASN A 90 -9.60 -13.25 -0.13
N VAL A 91 -9.57 -13.27 -1.46
CA VAL A 91 -9.14 -14.48 -2.15
C VAL A 91 -7.67 -14.83 -1.88
N ILE A 92 -6.80 -13.84 -1.78
CA ILE A 92 -5.38 -14.06 -1.48
C ILE A 92 -5.21 -14.61 -0.06
N VAL A 93 -5.82 -13.95 0.91
CA VAL A 93 -5.83 -14.40 2.30
C VAL A 93 -6.24 -15.86 2.42
N LEU A 94 -7.31 -16.23 1.71
CA LEU A 94 -7.83 -17.58 1.77
C LEU A 94 -6.86 -18.61 1.18
N GLU A 95 -6.15 -18.24 0.11
CA GLU A 95 -5.15 -19.12 -0.48
C GLU A 95 -4.01 -19.31 0.47
N LEU A 96 -3.58 -18.20 1.08
CA LEU A 96 -2.43 -18.22 1.97
C LEU A 96 -2.74 -18.98 3.25
N LYS A 97 -3.84 -18.61 3.90
CA LYS A 97 -4.13 -19.10 5.24
C LYS A 97 -4.29 -20.60 5.21
N GLY A 98 -4.64 -21.12 4.04
CA GLY A 98 -4.85 -22.55 3.87
C GLY A 98 -6.34 -22.83 3.76
N PHE A 103 -8.21 -21.40 11.18
CA PHE A 103 -8.23 -22.06 12.49
C PHE A 103 -9.21 -21.34 13.44
N MET A 104 -9.03 -21.50 14.76
CA MET A 104 -9.83 -20.77 15.73
C MET A 104 -9.06 -19.52 16.18
N CYS A 105 -9.45 -18.37 15.65
CA CYS A 105 -8.69 -17.13 15.85
C CYS A 105 -8.95 -16.46 17.19
N GLU A 106 -7.88 -16.27 17.97
CA GLU A 106 -7.96 -15.52 19.21
C GLU A 106 -7.56 -14.08 19.01
N TYR A 107 -8.39 -13.18 19.54
CA TYR A 107 -8.15 -11.74 19.43
C TYR A 107 -7.58 -11.17 20.71
N ALA A 108 -6.83 -10.07 20.59
CA ALA A 108 -6.33 -9.35 21.74
C ALA A 108 -7.47 -8.61 22.44
N ASP A 109 -7.30 -8.29 23.72
CA ASP A 109 -8.30 -7.50 24.46
C ASP A 109 -8.40 -6.11 23.87
N GLU A 110 -7.22 -5.54 23.59
CA GLU A 110 -7.08 -4.18 23.08
C GLU A 110 -7.54 -4.06 21.62
N THR A 111 -8.39 -3.07 21.38
CA THR A 111 -8.82 -2.73 20.03
C THR A 111 -7.89 -1.69 19.40
N ALA A 112 -7.99 -1.55 18.07
CA ALA A 112 -7.12 -0.65 17.30
C ALA A 112 -7.90 0.28 16.35
N THR A 113 -7.24 1.35 15.93
CA THR A 113 -7.72 2.14 14.78
C THR A 113 -7.36 1.37 13.50
N ILE A 114 -7.92 1.79 12.36
CA ILE A 114 -7.58 1.19 11.07
C ILE A 114 -6.09 1.25 10.85
N VAL A 115 -5.48 2.38 11.21
CA VAL A 115 -4.06 2.60 10.98
C VAL A 115 -3.23 1.54 11.70
N GLU A 116 -3.55 1.33 12.98
CA GLU A 116 -2.89 0.32 13.80
C GLU A 116 -3.17 -1.07 13.25
N PHE A 117 -4.40 -1.26 12.77
CA PHE A 117 -4.84 -2.53 12.21
C PHE A 117 -4.11 -2.85 10.90
N LEU A 118 -4.03 -1.87 10.01
CA LEU A 118 -3.33 -2.04 8.76
C LEU A 118 -1.83 -2.30 8.99
N ASN A 119 -1.21 -1.51 9.87
CA ASN A 119 0.21 -1.69 10.19
C ASN A 119 0.56 -3.03 10.83
N ARG A 120 -0.38 -3.58 11.59
CA ARG A 120 -0.19 -4.90 12.19
C ARG A 120 -0.10 -5.95 11.10
N TRP A 121 -1.03 -5.87 10.16
CA TRP A 121 -1.11 -6.82 9.08
C TRP A 121 0.03 -6.69 8.08
N ILE A 122 0.52 -5.48 7.90
CA ILE A 122 1.70 -5.20 7.09
C ILE A 122 2.94 -5.83 7.70
N THR A 123 3.12 -5.58 8.99
CA THR A 123 4.18 -6.21 9.82
C THR A 123 4.17 -7.73 9.69
N PHE A 124 2.97 -8.32 9.79
CA PHE A 124 2.78 -9.76 9.66
C PHE A 124 3.37 -10.24 8.34
N CYS A 125 2.87 -9.69 7.22
CA CYS A 125 3.40 -10.02 5.89
C CYS A 125 4.91 -9.87 5.76
N GLN A 126 5.45 -8.74 6.22
CA GLN A 126 6.87 -8.45 6.11
C GLN A 126 7.65 -9.45 6.93
N SER A 127 7.06 -9.88 8.04
CA SER A 127 7.69 -10.83 8.95
C SER A 127 7.89 -12.19 8.27
N ILE A 128 6.86 -12.67 7.57
CA ILE A 128 6.99 -13.94 6.83
C ILE A 128 7.83 -13.82 5.56
N ILE A 129 7.63 -12.76 4.78
CA ILE A 129 8.39 -12.51 3.52
C ILE A 129 9.90 -12.55 3.74
N SER A 130 10.35 -11.91 4.82
CA SER A 130 11.77 -11.79 5.13
C SER A 130 12.44 -13.12 5.46
N THR A 131 11.68 -14.07 5.98
CA THR A 131 12.19 -15.41 6.27
C THR A 131 12.17 -16.25 5.00
N LEU A 132 11.14 -16.04 4.17
CA LEU A 132 10.93 -16.83 2.96
C LEU A 132 12.10 -16.90 1.97
N THR A 133 13.03 -15.95 2.05
CA THR A 133 14.26 -16.04 1.26
C THR A 133 15.45 -15.55 2.09
N SER B 6 -7.70 -25.78 -32.87
CA SER B 6 -6.25 -26.13 -32.96
C SER B 6 -5.44 -25.33 -31.96
N GLN B 7 -5.68 -24.03 -31.90
CA GLN B 7 -5.01 -23.15 -30.93
C GLN B 7 -5.99 -22.19 -30.23
N PHE B 8 -5.81 -22.06 -28.91
CA PHE B 8 -6.63 -21.20 -28.07
C PHE B 8 -5.71 -20.50 -27.06
N THR B 9 -5.41 -19.23 -27.33
CA THR B 9 -4.41 -18.45 -26.59
C THR B 9 -5.02 -17.15 -26.09
N CYS B 10 -4.78 -16.84 -24.81
CA CYS B 10 -5.36 -15.68 -24.16
C CYS B 10 -4.31 -14.94 -23.33
N PHE B 11 -4.47 -13.62 -23.23
CA PHE B 11 -3.63 -12.81 -22.32
C PHE B 11 -4.45 -11.88 -21.43
N TYR B 12 -4.04 -11.80 -20.16
CA TYR B 12 -4.59 -10.83 -19.18
C TYR B 12 -3.73 -9.55 -19.21
N ASN B 13 -4.38 -8.38 -19.24
CA ASN B 13 -3.68 -7.10 -19.25
C ASN B 13 -3.40 -6.58 -17.85
N SER B 14 -3.64 -7.42 -16.83
CA SER B 14 -3.33 -7.16 -15.43
C SER B 14 -4.44 -6.44 -14.68
N ARG B 15 -5.43 -5.92 -15.41
CA ARG B 15 -6.55 -5.22 -14.79
C ARG B 15 -7.92 -5.90 -15.04
N ALA B 16 -8.62 -5.52 -16.10
CA ALA B 16 -10.00 -5.96 -16.29
C ALA B 16 -10.22 -6.45 -17.74
N GLN B 17 -9.14 -6.92 -18.35
CA GLN B 17 -9.21 -7.44 -19.71
C GLN B 17 -8.43 -8.72 -19.97
N ILE B 18 -9.13 -9.70 -20.52
CA ILE B 18 -8.54 -10.90 -21.11
C ILE B 18 -8.82 -10.89 -22.62
N SER B 19 -7.74 -10.86 -23.41
CA SER B 19 -7.77 -10.93 -24.86
C SER B 19 -7.54 -12.34 -25.37
N CYS B 20 -8.45 -12.85 -26.18
CA CYS B 20 -8.39 -14.23 -26.67
C CYS B 20 -8.30 -14.38 -28.18
N VAL B 21 -7.55 -15.38 -28.61
CA VAL B 21 -7.42 -15.74 -30.02
C VAL B 21 -7.70 -17.24 -30.19
N TRP B 22 -8.59 -17.57 -31.13
CA TRP B 22 -8.92 -18.94 -31.44
C TRP B 22 -8.84 -19.23 -32.93
N SER B 23 -8.10 -20.28 -33.27
CA SER B 23 -8.09 -20.85 -34.62
C SER B 23 -8.41 -22.33 -34.55
N GLN B 24 -9.30 -22.79 -35.44
CA GLN B 24 -9.66 -24.21 -35.53
C GLN B 24 -9.36 -24.77 -36.92
N THR B 31 -22.82 -20.88 -37.23
CA THR B 31 -21.45 -20.37 -37.26
C THR B 31 -20.98 -19.77 -35.93
N SER B 32 -21.92 -19.27 -35.12
CA SER B 32 -21.61 -18.49 -33.91
C SER B 32 -20.67 -19.16 -32.90
N CYS B 33 -19.64 -18.44 -32.46
CA CYS B 33 -18.75 -18.88 -31.39
C CYS B 33 -18.51 -17.79 -30.34
N GLN B 34 -18.27 -18.22 -29.11
CA GLN B 34 -18.07 -17.31 -27.98
C GLN B 34 -17.00 -17.85 -27.07
N VAL B 35 -16.34 -16.95 -26.34
CA VAL B 35 -15.46 -17.32 -25.26
C VAL B 35 -16.21 -17.10 -23.95
N HIS B 36 -16.20 -18.10 -23.07
CA HIS B 36 -16.82 -18.00 -21.76
C HIS B 36 -15.74 -18.13 -20.70
N ALA B 37 -15.76 -17.25 -19.71
CA ALA B 37 -14.76 -17.22 -18.64
C ALA B 37 -15.41 -17.48 -17.30
N TRP B 38 -14.92 -18.52 -16.62
CA TRP B 38 -15.46 -18.90 -15.34
C TRP B 38 -14.38 -18.87 -14.24
N PRO B 39 -14.34 -17.76 -13.49
CA PRO B 39 -13.41 -17.65 -12.38
C PRO B 39 -13.76 -18.71 -11.35
N ASP B 40 -12.75 -19.44 -10.89
CA ASP B 40 -12.94 -20.53 -9.94
C ASP B 40 -13.40 -20.08 -8.54
N ARG B 41 -13.22 -18.80 -8.21
CA ARG B 41 -13.53 -18.35 -6.84
C ARG B 41 -14.23 -16.97 -6.75
N ARG B 42 -14.90 -16.56 -7.82
CA ARG B 42 -15.70 -15.33 -7.82
C ARG B 42 -17.14 -15.64 -8.22
N ARG B 43 -18.07 -14.80 -7.75
CA ARG B 43 -19.50 -14.96 -8.03
C ARG B 43 -19.93 -14.35 -9.37
N TRP B 44 -19.01 -14.29 -10.33
CA TRP B 44 -19.37 -13.78 -11.64
C TRP B 44 -18.83 -14.61 -12.79
N GLN B 45 -19.34 -14.33 -13.98
CA GLN B 45 -18.86 -14.92 -15.23
C GLN B 45 -18.92 -13.88 -16.35
N GLN B 46 -18.17 -14.10 -17.44
CA GLN B 46 -18.26 -13.24 -18.63
C GLN B 46 -18.11 -14.04 -19.94
N THR B 47 -18.63 -13.47 -21.04
CA THR B 47 -18.48 -14.01 -22.38
C THR B 47 -18.09 -12.91 -23.36
N CYS B 48 -17.63 -13.29 -24.56
CA CYS B 48 -17.51 -12.37 -25.70
C CYS B 48 -17.76 -13.10 -27.02
N GLU B 49 -18.47 -12.45 -27.95
CA GLU B 49 -18.64 -12.95 -29.32
C GLU B 49 -17.27 -12.98 -30.03
N LEU B 50 -16.85 -14.15 -30.49
CA LEU B 50 -15.66 -14.24 -31.34
C LEU B 50 -15.98 -13.73 -32.76
N LEU B 51 -15.09 -12.89 -33.28
CA LEU B 51 -15.24 -12.28 -34.61
C LEU B 51 -14.02 -12.63 -35.44
N PRO B 52 -14.20 -12.73 -36.77
CA PRO B 52 -13.11 -13.15 -37.66
C PRO B 52 -12.00 -12.12 -37.80
N VAL B 53 -10.76 -12.60 -37.71
CA VAL B 53 -9.58 -11.82 -38.08
C VAL B 53 -9.00 -12.49 -39.35
N SER B 54 -7.96 -13.32 -39.19
CA SER B 54 -7.42 -14.08 -40.32
C SER B 54 -8.42 -15.08 -40.92
N GLN B 55 -8.00 -15.74 -42.00
CA GLN B 55 -8.82 -16.73 -42.68
C GLN B 55 -9.38 -17.76 -41.70
N ALA B 56 -8.51 -18.29 -40.84
CA ALA B 56 -8.92 -19.26 -39.84
C ALA B 56 -8.53 -18.78 -38.44
N SER B 57 -8.72 -17.50 -38.18
CA SER B 57 -8.47 -16.94 -36.87
C SER B 57 -9.66 -16.12 -36.39
N TRP B 58 -9.97 -16.28 -35.10
CA TRP B 58 -11.04 -15.54 -34.44
C TRP B 58 -10.48 -14.88 -33.20
N ALA B 59 -10.96 -13.67 -32.90
CA ALA B 59 -10.47 -12.93 -31.74
C ALA B 59 -11.61 -12.38 -30.90
N CYS B 60 -11.29 -12.04 -29.66
CA CYS B 60 -12.27 -11.78 -28.64
C CYS B 60 -11.66 -11.03 -27.47
N ASN B 61 -12.38 -10.04 -26.95
CA ASN B 61 -11.99 -9.39 -25.68
C ASN B 61 -13.03 -9.55 -24.57
N LEU B 62 -12.59 -10.13 -23.46
CA LEU B 62 -13.41 -10.29 -22.26
C LEU B 62 -13.21 -9.10 -21.33
N ILE B 63 -14.26 -8.28 -21.21
CA ILE B 63 -14.30 -7.06 -20.43
C ILE B 63 -14.80 -7.36 -19.01
N LEU B 64 -13.88 -7.56 -18.07
CA LEU B 64 -14.21 -7.98 -16.71
C LEU B 64 -14.77 -6.84 -15.85
N GLY B 65 -14.32 -5.63 -16.10
CA GLY B 65 -14.86 -4.45 -15.41
C GLY B 65 -14.41 -3.21 -16.13
N ALA B 66 -14.36 -2.09 -15.40
CA ALA B 66 -13.85 -0.83 -15.91
C ALA B 66 -12.34 -0.87 -16.16
N PRO B 67 -11.87 -0.09 -17.13
CA PRO B 67 -10.46 -0.08 -17.59
C PRO B 67 -9.32 -0.28 -16.55
N ASP B 68 -9.41 0.38 -15.40
CA ASP B 68 -8.32 0.29 -14.43
C ASP B 68 -8.67 -0.46 -13.16
N SER B 69 -9.74 -1.22 -13.23
CA SER B 69 -10.18 -1.96 -12.08
C SER B 69 -9.41 -3.25 -12.00
N GLN B 70 -9.16 -3.69 -10.77
CA GLN B 70 -8.44 -4.91 -10.51
C GLN B 70 -9.44 -6.05 -10.28
N LYS B 71 -9.72 -6.82 -11.33
CA LYS B 71 -10.80 -7.81 -11.33
C LYS B 71 -10.33 -9.23 -11.08
N LEU B 72 -9.02 -9.45 -11.24
CA LEU B 72 -8.40 -10.72 -10.92
C LEU B 72 -7.14 -10.52 -10.09
N THR B 73 -6.64 -11.64 -9.58
CA THR B 73 -5.59 -11.72 -8.59
C THR B 73 -4.63 -12.87 -8.97
N THR B 74 -3.48 -12.95 -8.31
CA THR B 74 -2.50 -14.01 -8.58
C THR B 74 -2.91 -15.42 -8.12
N VAL B 75 -3.95 -15.51 -7.31
CA VAL B 75 -4.43 -16.81 -6.85
C VAL B 75 -5.66 -17.31 -7.66
N ASP B 76 -6.28 -16.40 -8.40
CA ASP B 76 -7.39 -16.74 -9.26
C ASP B 76 -7.00 -17.72 -10.37
N ILE B 77 -7.91 -18.64 -10.66
CA ILE B 77 -7.80 -19.45 -11.87
C ILE B 77 -9.11 -19.24 -12.63
N VAL B 78 -9.00 -18.98 -13.92
CA VAL B 78 -10.21 -18.80 -14.74
C VAL B 78 -10.35 -19.96 -15.72
N THR B 79 -11.48 -20.66 -15.63
CA THR B 79 -11.76 -21.66 -16.62
C THR B 79 -12.30 -20.96 -17.85
N LEU B 80 -11.59 -21.15 -18.96
CA LEU B 80 -11.91 -20.50 -20.23
C LEU B 80 -12.37 -21.53 -21.24
N ARG B 81 -13.57 -21.33 -21.76
CA ARG B 81 -14.19 -22.26 -22.68
C ARG B 81 -14.44 -21.53 -24.01
N VAL B 82 -14.16 -22.21 -25.13
CA VAL B 82 -14.65 -21.79 -26.44
C VAL B 82 -15.87 -22.63 -26.79
N LEU B 83 -16.97 -21.96 -27.11
CA LEU B 83 -18.23 -22.60 -27.43
C LEU B 83 -18.73 -22.18 -28.81
N CYS B 84 -19.15 -23.17 -29.60
CA CYS B 84 -19.80 -22.93 -30.89
C CYS B 84 -21.19 -23.53 -30.92
N ARG B 85 -22.11 -22.85 -31.60
CA ARG B 85 -23.53 -23.17 -31.54
C ARG B 85 -23.91 -24.67 -31.65
N GLU B 86 -23.70 -25.29 -32.81
CA GLU B 86 -24.19 -26.65 -33.07
C GLU B 86 -25.69 -26.87 -32.76
N GLY B 87 -26.54 -26.49 -33.70
CA GLY B 87 -27.99 -26.63 -33.54
C GLY B 87 -28.55 -26.00 -32.29
N VAL B 88 -29.34 -26.79 -31.56
CA VAL B 88 -30.05 -26.38 -30.34
C VAL B 88 -29.16 -25.77 -29.25
N ARG B 89 -28.09 -26.49 -28.90
CA ARG B 89 -27.29 -26.20 -27.72
C ARG B 89 -25.96 -25.51 -28.04
N TRP B 90 -24.93 -25.74 -27.22
CA TRP B 90 -23.57 -25.28 -27.47
C TRP B 90 -22.60 -26.46 -27.42
N ARG B 91 -21.55 -26.41 -28.23
CA ARG B 91 -20.49 -27.41 -28.18
C ARG B 91 -19.20 -26.80 -27.65
N VAL B 92 -18.59 -27.47 -26.69
CA VAL B 92 -17.29 -27.05 -26.16
C VAL B 92 -16.19 -27.41 -27.18
N MET B 93 -15.55 -26.38 -27.73
CA MET B 93 -14.54 -26.55 -28.77
C MET B 93 -13.13 -26.57 -28.19
N ALA B 94 -12.92 -25.83 -27.12
CA ALA B 94 -11.61 -25.77 -26.48
C ALA B 94 -11.77 -25.48 -24.99
N ILE B 95 -10.82 -25.95 -24.21
CA ILE B 95 -10.74 -25.63 -22.78
C ILE B 95 -9.34 -25.27 -22.28
N GLN B 96 -9.30 -24.46 -21.23
CA GLN B 96 -8.08 -23.98 -20.66
C GLN B 96 -8.34 -23.62 -19.21
N ASP B 97 -7.43 -24.03 -18.33
CA ASP B 97 -7.39 -23.51 -16.98
C ASP B 97 -6.38 -22.37 -16.98
N PHE B 98 -6.90 -21.16 -17.01
CA PHE B 98 -6.10 -19.97 -17.31
C PHE B 98 -5.67 -19.28 -16.01
N LYS B 99 -4.37 -19.31 -15.72
CA LYS B 99 -3.85 -18.54 -14.57
C LYS B 99 -3.45 -17.15 -15.06
N PRO B 100 -4.24 -16.13 -14.73
CA PRO B 100 -4.15 -14.81 -15.42
C PRO B 100 -2.76 -14.18 -15.25
N PHE B 101 -2.20 -14.28 -14.05
CA PHE B 101 -0.88 -13.73 -13.76
C PHE B 101 0.30 -14.55 -14.30
N GLU B 102 -0.02 -15.66 -14.95
CA GLU B 102 0.99 -16.45 -15.66
C GLU B 102 0.95 -16.13 -17.16
N ASN B 103 -0.05 -15.37 -17.56
CA ASN B 103 -0.31 -15.06 -18.98
C ASN B 103 -0.56 -13.58 -19.16
N LEU B 104 0.42 -12.81 -18.74
CA LEU B 104 0.34 -11.37 -18.80
C LEU B 104 0.87 -10.82 -20.09
N ARG B 105 0.13 -9.86 -20.62
CA ARG B 105 0.59 -9.03 -21.69
C ARG B 105 -0.06 -7.66 -21.51
N LEU B 106 0.76 -6.63 -21.33
CA LEU B 106 0.26 -5.30 -21.00
C LEU B 106 -0.20 -4.52 -22.24
N MET B 107 -1.02 -3.49 -22.03
CA MET B 107 -1.24 -2.50 -23.08
C MET B 107 0.11 -1.87 -23.42
N ALA B 108 0.23 -1.40 -24.66
CA ALA B 108 1.38 -0.61 -25.08
C ALA B 108 1.40 0.67 -24.27
N PRO B 109 2.59 1.11 -23.81
CA PRO B 109 2.76 2.43 -23.20
C PRO B 109 2.12 3.56 -23.99
N ILE B 110 1.67 4.58 -23.28
CA ILE B 110 0.99 5.71 -23.89
C ILE B 110 1.60 7.07 -23.48
N SER B 111 1.01 8.15 -24.00
CA SER B 111 1.32 9.53 -23.62
C SER B 111 2.81 9.81 -23.74
N LEU B 112 3.37 9.33 -24.83
CA LEU B 112 4.75 9.64 -25.17
C LEU B 112 4.83 11.11 -25.54
N GLN B 113 5.86 11.76 -25.03
CA GLN B 113 6.12 13.17 -25.31
C GLN B 113 7.58 13.53 -25.09
N VAL B 114 8.01 14.61 -25.75
CA VAL B 114 9.34 15.14 -25.51
C VAL B 114 9.34 15.94 -24.21
N VAL B 115 10.20 15.54 -23.30
CA VAL B 115 10.44 16.27 -22.06
C VAL B 115 11.38 17.42 -22.41
N HIS B 116 12.40 17.11 -23.21
CA HIS B 116 13.47 18.04 -23.54
C HIS B 116 14.31 17.57 -24.74
N VAL B 117 14.29 18.34 -25.84
CA VAL B 117 15.15 18.14 -27.05
C VAL B 117 16.29 19.17 -27.15
N GLU B 118 17.52 18.70 -27.36
CA GLU B 118 18.64 19.55 -27.80
C GLU B 118 19.03 19.21 -29.24
N THR B 119 20.25 19.58 -29.65
CA THR B 119 20.77 19.27 -30.99
C THR B 119 21.28 17.84 -31.08
N HIS B 120 21.80 17.32 -29.96
CA HIS B 120 22.43 16.01 -29.90
C HIS B 120 21.78 15.07 -28.88
N ARG B 121 20.69 15.52 -28.25
CA ARG B 121 20.04 14.80 -27.15
C ARG B 121 18.53 14.91 -27.21
N CYS B 122 17.85 13.98 -26.54
CA CYS B 122 16.41 14.07 -26.33
C CYS B 122 15.97 13.21 -25.17
N ASN B 123 15.18 13.81 -24.27
CA ASN B 123 14.52 13.10 -23.19
C ASN B 123 13.05 12.95 -23.55
N ILE B 124 12.60 11.69 -23.57
CA ILE B 124 11.22 11.33 -23.86
C ILE B 124 10.66 10.56 -22.65
N SER B 125 9.41 10.87 -22.29
CA SER B 125 8.75 10.12 -21.25
C SER B 125 7.52 9.42 -21.79
N TRP B 126 7.05 8.44 -21.03
CA TRP B 126 5.83 7.71 -21.33
C TRP B 126 5.08 7.37 -20.05
N GLU B 127 3.87 6.85 -20.21
CA GLU B 127 3.09 6.32 -19.11
C GLU B 127 2.74 4.90 -19.46
N ILE B 128 2.71 4.04 -18.46
CA ILE B 128 2.09 2.71 -18.64
C ILE B 128 0.57 2.77 -18.46
N SER B 129 -0.17 1.96 -19.20
CA SER B 129 -1.62 2.09 -19.23
C SER B 129 -2.28 1.36 -18.04
N GLN B 130 -2.90 0.24 -18.30
CA GLN B 130 -3.71 -0.45 -17.30
C GLN B 130 -2.86 -1.52 -16.65
N ALA B 131 -1.81 -1.07 -15.96
CA ALA B 131 -0.85 -1.94 -15.27
C ALA B 131 -1.12 -2.03 -13.76
N SER B 132 -1.33 -3.24 -13.28
CA SER B 132 -1.62 -3.54 -11.88
C SER B 132 -0.56 -2.98 -10.90
N HIS B 133 -1.04 -2.43 -9.79
CA HIS B 133 -0.21 -2.05 -8.67
C HIS B 133 0.48 -3.27 -8.05
N TYR B 134 0.00 -4.47 -8.37
CA TYR B 134 0.64 -5.71 -7.89
C TYR B 134 2.08 -5.87 -8.39
N PHE B 135 2.39 -5.27 -9.54
CA PHE B 135 3.72 -5.41 -10.13
C PHE B 135 4.74 -4.55 -9.45
N GLU B 136 4.27 -3.57 -8.65
CA GLU B 136 5.17 -2.58 -8.06
C GLU B 136 6.21 -2.15 -9.10
N ARG B 137 7.49 -2.29 -8.80
CA ARG B 137 8.56 -1.89 -9.72
C ARG B 137 9.11 -3.04 -10.59
N HIS B 138 8.50 -4.23 -10.46
CA HIS B 138 8.97 -5.45 -11.10
C HIS B 138 8.53 -5.49 -12.56
N LEU B 139 9.04 -4.54 -13.31
CA LEU B 139 8.73 -4.36 -14.71
C LEU B 139 10.05 -4.13 -15.43
N GLU B 140 10.00 -4.25 -16.75
CA GLU B 140 11.11 -4.05 -17.66
C GLU B 140 10.55 -3.32 -18.87
N PHE B 141 11.43 -2.62 -19.58
CA PHE B 141 11.03 -1.92 -20.80
C PHE B 141 12.07 -2.19 -21.85
N GLU B 142 11.64 -2.04 -23.10
CA GLU B 142 12.52 -2.06 -24.24
C GLU B 142 12.11 -0.89 -25.13
N ALA B 143 13.09 -0.16 -25.66
CA ALA B 143 12.82 0.95 -26.57
C ALA B 143 13.65 0.83 -27.85
N ARG B 144 13.29 1.62 -28.86
CA ARG B 144 14.03 1.65 -30.13
C ARG B 144 13.83 2.99 -30.82
N THR B 145 14.84 3.40 -31.58
CA THR B 145 14.79 4.67 -32.34
C THR B 145 14.90 4.46 -33.84
N LEU B 146 13.95 5.03 -34.56
CA LEU B 146 13.98 5.08 -36.01
C LEU B 146 14.77 6.31 -36.43
N SER B 147 15.92 6.09 -37.06
CA SER B 147 16.69 7.17 -37.65
C SER B 147 16.53 7.11 -39.18
N PRO B 148 16.70 8.26 -39.85
CA PRO B 148 16.39 8.39 -41.30
C PRO B 148 17.06 7.39 -42.24
N GLY B 149 18.25 6.92 -41.88
CA GLY B 149 18.95 5.93 -42.69
C GLY B 149 18.39 4.51 -42.65
N HIS B 150 17.58 4.20 -41.64
CA HIS B 150 17.28 2.82 -41.27
C HIS B 150 15.81 2.48 -41.04
N THR B 151 15.52 1.18 -40.93
CA THR B 151 14.18 0.71 -40.61
C THR B 151 14.06 0.37 -39.14
N TRP B 152 12.81 0.27 -38.70
CA TRP B 152 12.49 -0.21 -37.37
C TRP B 152 13.20 -1.53 -37.08
N GLU B 153 13.16 -2.46 -38.04
CA GLU B 153 13.81 -3.76 -37.86
C GLU B 153 15.31 -3.65 -37.59
N GLU B 154 15.95 -2.66 -38.22
CA GLU B 154 17.38 -2.38 -38.04
C GLU B 154 17.74 -1.63 -36.75
N ALA B 155 16.73 -1.20 -36.00
CA ALA B 155 16.97 -0.37 -34.82
C ALA B 155 17.35 -1.24 -33.63
N PRO B 156 18.47 -0.88 -32.99
CA PRO B 156 18.94 -1.59 -31.78
C PRO B 156 17.89 -1.59 -30.66
N LEU B 157 17.79 -2.69 -29.93
CA LEU B 157 16.92 -2.77 -28.76
C LEU B 157 17.62 -2.10 -27.59
N LEU B 158 16.93 -1.13 -27.00
CA LEU B 158 17.40 -0.45 -25.83
C LEU B 158 16.75 -1.05 -24.58
N THR B 159 17.56 -1.73 -23.77
CA THR B 159 17.13 -2.47 -22.59
C THR B 159 17.03 -1.61 -21.31
N LEU B 160 15.87 -1.62 -20.67
CA LEU B 160 15.71 -0.99 -19.35
C LEU B 160 15.26 -2.07 -18.38
N LYS B 161 16.21 -2.62 -17.64
CA LYS B 161 15.95 -3.67 -16.65
C LYS B 161 15.48 -3.14 -15.28
N GLN B 162 14.54 -2.22 -15.33
CA GLN B 162 13.99 -1.50 -14.16
C GLN B 162 12.74 -0.78 -14.63
N LYS B 163 11.91 -0.34 -13.68
CA LYS B 163 10.80 0.56 -14.02
C LYS B 163 11.31 1.97 -14.20
N GLN B 164 11.41 2.38 -15.46
CA GLN B 164 11.92 3.70 -15.78
C GLN B 164 11.01 4.20 -16.88
N GLU B 165 10.42 5.38 -16.68
CA GLU B 165 9.38 5.86 -17.61
C GLU B 165 9.85 7.03 -18.44
N TRP B 166 11.14 7.01 -18.73
CA TRP B 166 11.80 7.97 -19.59
C TRP B 166 13.14 7.40 -20.07
N ILE B 167 13.63 8.00 -21.14
CA ILE B 167 14.94 7.69 -21.68
C ILE B 167 15.58 9.00 -22.19
N CYS B 168 16.87 9.14 -21.95
CA CYS B 168 17.61 10.24 -22.56
C CYS B 168 18.45 9.64 -23.69
N LEU B 169 18.08 9.96 -24.92
CA LEU B 169 18.87 9.52 -26.09
C LEU B 169 20.05 10.46 -26.32
N GLU B 170 21.26 9.91 -26.32
CA GLU B 170 22.50 10.67 -26.54
C GLU B 170 23.05 10.37 -27.93
N THR B 171 24.08 11.13 -28.33
CA THR B 171 24.78 10.91 -29.59
C THR B 171 23.81 11.01 -30.77
N LEU B 172 22.94 12.03 -30.71
CA LEU B 172 22.03 12.30 -31.81
C LEU B 172 22.64 13.34 -32.73
N THR B 173 22.07 13.43 -33.92
CA THR B 173 22.57 14.34 -34.94
C THR B 173 21.62 15.53 -35.00
N PRO B 174 22.18 16.75 -35.03
CA PRO B 174 21.38 17.98 -35.14
C PRO B 174 20.45 17.98 -36.35
N ASP B 175 19.34 18.71 -36.24
CA ASP B 175 18.40 18.96 -37.34
C ASP B 175 17.88 17.69 -38.03
N THR B 176 17.57 16.66 -37.24
CA THR B 176 17.20 15.34 -37.77
C THR B 176 15.86 14.85 -37.24
N GLN B 177 15.04 14.29 -38.13
CA GLN B 177 13.76 13.63 -37.78
C GLN B 177 13.97 12.20 -37.30
N TYR B 178 13.54 11.94 -36.06
CA TYR B 178 13.54 10.61 -35.49
C TYR B 178 12.13 10.20 -35.13
N GLU B 179 11.94 8.89 -34.98
CA GLU B 179 10.76 8.38 -34.30
C GLU B 179 11.21 7.49 -33.14
N PHE B 180 10.35 7.35 -32.14
CA PHE B 180 10.71 6.57 -30.96
C PHE B 180 9.56 5.68 -30.53
N GLN B 181 9.89 4.50 -30.01
CA GLN B 181 8.93 3.48 -29.59
C GLN B 181 9.39 2.77 -28.32
N VAL B 182 8.41 2.35 -27.51
CA VAL B 182 8.68 1.64 -26.25
C VAL B 182 7.62 0.55 -25.96
N ARG B 183 8.06 -0.49 -25.25
CA ARG B 183 7.15 -1.57 -24.82
C ARG B 183 7.56 -2.07 -23.41
N VAL B 184 6.66 -2.78 -22.74
CA VAL B 184 6.81 -3.12 -21.31
C VAL B 184 6.51 -4.58 -21.06
N LYS B 185 7.06 -5.11 -19.98
CA LYS B 185 6.79 -6.48 -19.60
C LYS B 185 6.90 -6.61 -18.07
N PRO B 186 5.90 -7.23 -17.45
CA PRO B 186 6.02 -7.63 -16.06
C PRO B 186 7.07 -8.73 -16.00
N LEU B 187 7.83 -8.79 -14.93
CA LEU B 187 8.74 -9.91 -14.68
C LEU B 187 8.02 -11.21 -14.34
N GLN B 188 6.78 -11.10 -13.87
CA GLN B 188 6.06 -12.24 -13.35
C GLN B 188 5.43 -13.04 -14.49
N GLY B 189 5.49 -14.37 -14.41
CA GLY B 189 4.62 -15.21 -15.22
C GLY B 189 5.35 -16.02 -16.26
N GLU B 190 4.90 -17.24 -16.48
CA GLU B 190 5.64 -18.17 -17.30
C GLU B 190 5.43 -17.87 -18.78
N PHE B 191 4.24 -17.38 -19.14
CA PHE B 191 3.86 -17.14 -20.55
C PHE B 191 3.61 -15.66 -20.87
N THR B 192 3.97 -14.81 -19.93
CA THR B 192 3.96 -13.36 -20.09
C THR B 192 4.81 -12.97 -21.30
N THR B 193 4.29 -12.06 -22.11
CA THR B 193 5.00 -11.56 -23.28
C THR B 193 5.06 -10.04 -23.24
N TRP B 194 5.99 -9.49 -24.01
CA TRP B 194 6.10 -8.06 -24.25
C TRP B 194 4.74 -7.48 -24.62
N SER B 195 4.47 -6.24 -24.23
CA SER B 195 3.29 -5.52 -24.74
C SER B 195 3.54 -5.20 -26.21
N PRO B 196 2.52 -4.75 -26.96
CA PRO B 196 2.77 -4.18 -28.27
C PRO B 196 3.65 -2.93 -28.09
N TRP B 197 4.44 -2.61 -29.12
CA TRP B 197 5.12 -1.33 -29.18
C TRP B 197 4.13 -0.21 -29.10
N SER B 198 4.54 0.90 -28.50
CA SER B 198 3.71 2.09 -28.47
C SER B 198 3.64 2.69 -29.85
N GLN B 199 2.64 3.54 -30.05
CA GLN B 199 2.58 4.39 -31.23
C GLN B 199 3.89 5.18 -31.33
N PRO B 200 4.55 5.18 -32.49
CA PRO B 200 5.77 5.94 -32.67
C PRO B 200 5.61 7.44 -32.41
N LEU B 201 6.51 7.99 -31.60
CA LEU B 201 6.54 9.43 -31.33
C LEU B 201 7.57 10.04 -32.24
N ALA B 202 7.11 10.88 -33.16
CA ALA B 202 7.99 11.61 -34.04
C ALA B 202 8.49 12.87 -33.35
N PHE B 203 9.78 13.15 -33.53
CA PHE B 203 10.40 14.34 -32.98
C PHE B 203 11.63 14.71 -33.80
N ARG B 204 12.11 15.94 -33.60
CA ARG B 204 13.25 16.43 -34.35
C ARG B 204 14.22 17.14 -33.41
N THR B 205 15.50 16.79 -33.52
CA THR B 205 16.53 17.49 -32.78
C THR B 205 16.66 18.93 -33.24
N LYS B 206 17.07 19.82 -32.34
CA LYS B 206 17.27 21.23 -32.68
C LYS B 206 18.33 21.38 -33.79
N PRO B 207 18.20 22.43 -34.62
CA PRO B 207 19.27 22.82 -35.58
C PRO B 207 20.56 23.23 -34.88
N PRO C 1 10.96 17.23 30.59
CA PRO C 1 10.90 16.95 29.16
C PRO C 1 12.09 16.10 28.67
N LEU C 2 12.03 14.80 28.93
CA LEU C 2 13.14 13.88 28.63
C LEU C 2 13.58 13.85 27.17
N PRO C 3 14.90 13.69 26.95
CA PRO C 3 15.45 13.57 25.61
C PRO C 3 14.83 12.42 24.81
N GLU C 4 14.69 12.63 23.52
CA GLU C 4 14.18 11.62 22.60
C GLU C 4 15.27 10.57 22.40
N VAL C 5 14.87 9.30 22.43
CA VAL C 5 15.76 8.20 22.05
C VAL C 5 15.57 7.90 20.56
N GLN C 6 16.67 7.82 19.81
CA GLN C 6 16.61 7.27 18.46
C GLN C 6 17.35 5.93 18.30
N CYS C 7 16.61 4.92 17.86
CA CYS C 7 17.13 3.58 17.67
C CYS C 7 17.32 3.26 16.20
N PHE C 8 18.49 2.72 15.87
CA PHE C 8 18.73 2.19 14.54
C PHE C 8 19.29 0.79 14.59
N VAL C 9 18.75 -0.07 13.73
CA VAL C 9 19.25 -1.44 13.61
C VAL C 9 20.19 -1.49 12.41
N PHE C 10 21.45 -1.78 12.68
CA PHE C 10 22.49 -1.71 11.65
C PHE C 10 22.72 -3.04 10.98
N ASN C 11 22.19 -3.13 9.74
CA ASN C 11 22.23 -4.32 8.90
C ASN C 11 21.66 -5.57 9.56
N VAL C 12 20.67 -5.37 10.43
CA VAL C 12 20.17 -6.39 11.36
C VAL C 12 21.29 -7.15 12.09
N GLU C 13 22.38 -6.46 12.42
CA GLU C 13 23.51 -7.13 13.12
C GLU C 13 23.62 -6.72 14.59
N TYR C 14 23.09 -5.54 14.89
CA TYR C 14 23.05 -4.97 16.23
C TYR C 14 22.25 -3.67 16.13
N MET C 15 22.00 -3.06 17.29
CA MET C 15 21.22 -1.83 17.37
C MET C 15 21.80 -0.79 18.35
N ASN C 16 21.97 0.43 17.87
CA ASN C 16 22.26 1.58 18.72
C ASN C 16 21.01 2.37 19.04
N CYS C 17 20.69 2.51 20.32
CA CYS C 17 19.71 3.47 20.79
C CYS C 17 20.42 4.60 21.49
N THR C 18 20.28 5.84 21.00
CA THR C 18 21.00 6.99 21.55
C THR C 18 20.10 8.14 21.97
N TRP C 19 20.66 9.04 22.79
CA TRP C 19 20.02 10.29 23.17
C TRP C 19 21.09 11.29 23.61
N GLN C 20 20.86 12.58 23.38
CA GLN C 20 21.73 13.63 23.93
C GLN C 20 21.16 14.08 25.26
N SER C 21 21.91 13.86 26.33
CA SER C 21 21.45 14.11 27.69
C SER C 21 21.81 15.51 28.20
N SER C 22 22.70 16.20 27.49
CA SER C 22 23.28 17.47 27.96
C SER C 22 22.29 18.63 28.17
N SER C 23 21.05 18.45 27.73
CA SER C 23 20.03 19.49 27.80
C SER C 23 19.28 19.51 29.15
N GLU C 24 20.03 19.43 30.24
CA GLU C 24 19.49 19.38 31.59
C GLU C 24 20.54 19.79 32.63
N PRO C 25 20.15 20.59 33.63
CA PRO C 25 21.03 20.91 34.76
C PRO C 25 21.34 19.64 35.56
N GLN C 26 22.48 19.63 36.26
CA GLN C 26 23.04 18.42 36.86
C GLN C 26 23.33 17.33 35.81
N PRO C 27 24.61 16.99 35.62
CA PRO C 27 25.00 15.84 34.79
C PRO C 27 24.28 14.58 35.26
N THR C 28 23.51 13.97 34.35
CA THR C 28 22.61 12.88 34.72
C THR C 28 22.85 11.61 33.88
N ASN C 29 22.97 10.49 34.57
CA ASN C 29 22.93 9.18 33.94
C ASN C 29 21.49 8.70 33.89
N LEU C 30 20.80 9.06 32.81
CA LEU C 30 19.50 8.48 32.51
C LEU C 30 19.69 6.99 32.25
N THR C 31 18.70 6.18 32.61
CA THR C 31 18.73 4.75 32.32
C THR C 31 17.81 4.40 31.17
N LEU C 32 18.10 3.26 30.56
CA LEU C 32 17.23 2.72 29.52
C LEU C 32 16.71 1.35 29.90
N HIS C 33 15.40 1.20 29.77
CA HIS C 33 14.75 -0.09 29.86
C HIS C 33 13.96 -0.33 28.57
N TYR C 34 13.83 -1.61 28.21
CA TYR C 34 13.06 -1.95 27.04
C TYR C 34 12.28 -3.24 27.25
N TRP C 35 11.29 -3.45 26.40
CA TRP C 35 10.47 -4.64 26.44
C TRP C 35 9.74 -4.82 25.12
N TYR C 36 9.40 -6.06 24.83
CA TYR C 36 8.66 -6.39 23.63
C TYR C 36 7.19 -6.57 23.98
N LYS C 37 6.42 -5.55 23.64
CA LYS C 37 5.03 -5.42 24.06
C LYS C 37 4.16 -6.45 23.35
N ASN C 38 3.31 -7.13 24.11
CA ASN C 38 2.31 -8.05 23.58
C ASN C 38 2.87 -9.28 22.82
N SER C 39 3.94 -9.88 23.35
CA SER C 39 4.44 -11.15 22.80
C SER C 39 5.05 -12.07 23.86
N ASP C 40 5.75 -13.12 23.41
CA ASP C 40 6.52 -13.98 24.31
C ASP C 40 7.71 -13.18 24.82
N ASN C 41 8.14 -13.46 26.05
CA ASN C 41 9.20 -12.69 26.73
C ASN C 41 8.97 -11.17 26.65
N ASP C 42 8.08 -10.70 27.52
CA ASP C 42 7.58 -9.35 27.52
C ASP C 42 8.02 -8.66 28.83
N LYS C 43 8.98 -9.29 29.51
CA LYS C 43 9.56 -8.77 30.74
C LYS C 43 10.35 -7.50 30.43
N VAL C 44 10.49 -6.64 31.44
CA VAL C 44 11.23 -5.39 31.32
C VAL C 44 12.74 -5.70 31.42
N GLN C 45 13.48 -5.28 30.39
CA GLN C 45 14.92 -5.54 30.30
C GLN C 45 15.70 -4.27 30.63
N LYS C 46 16.83 -4.46 31.30
CA LYS C 46 17.76 -3.37 31.65
C LYS C 46 18.79 -3.30 30.54
N CYS C 47 19.35 -2.11 30.30
CA CYS C 47 20.24 -1.89 29.15
C CYS C 47 21.34 -2.95 28.97
N SER C 48 22.15 -3.17 30.01
CA SER C 48 23.23 -4.16 29.96
C SER C 48 24.47 -3.77 29.11
N HIS C 49 24.32 -2.82 28.19
CA HIS C 49 25.49 -2.29 27.50
C HIS C 49 25.36 -0.80 27.19
N TYR C 50 25.75 0.02 28.16
CA TYR C 50 25.61 1.46 28.07
C TYR C 50 26.68 2.10 27.21
N LEU C 51 26.26 3.10 26.44
CA LEU C 51 27.15 3.94 25.66
C LEU C 51 27.30 5.23 26.42
N PHE C 52 28.48 5.82 26.34
CA PHE C 52 28.76 7.04 27.10
C PHE C 52 29.25 8.15 26.21
N SER C 53 28.88 9.38 26.57
CA SER C 53 29.46 10.57 26.01
C SER C 53 29.79 11.47 27.17
N GLU C 54 31.08 11.83 27.26
CA GLU C 54 31.60 12.62 28.35
C GLU C 54 31.23 12.01 29.71
N GLU C 55 31.43 10.69 29.81
CA GLU C 55 31.25 9.92 31.05
C GLU C 55 29.79 9.94 31.56
N ILE C 56 28.86 10.12 30.62
CA ILE C 56 27.43 10.19 30.91
C ILE C 56 26.67 9.38 29.86
N THR C 57 25.68 8.61 30.30
CA THR C 57 24.89 7.76 29.41
C THR C 57 24.31 8.54 28.24
N SER C 58 24.47 7.96 27.05
CA SER C 58 24.17 8.63 25.82
C SER C 58 23.50 7.64 24.88
N GLY C 59 23.60 6.36 25.24
CA GLY C 59 23.03 5.32 24.42
C GLY C 59 23.05 3.94 25.03
N CYS C 60 22.53 3.00 24.25
CA CYS C 60 22.56 1.59 24.57
C CYS C 60 22.82 0.85 23.28
N GLN C 61 23.64 -0.20 23.36
CA GLN C 61 23.81 -1.12 22.24
C GLN C 61 23.23 -2.50 22.54
N LEU C 62 22.28 -2.91 21.72
CA LEU C 62 21.68 -4.23 21.80
C LEU C 62 22.31 -5.19 20.78
N GLN C 63 22.64 -6.39 21.22
CA GLN C 63 23.21 -7.42 20.35
C GLN C 63 22.11 -8.08 19.54
N LYS C 64 22.50 -8.76 18.46
CA LYS C 64 21.56 -9.40 17.52
C LYS C 64 20.42 -10.14 18.21
N LYS C 65 20.76 -10.94 19.22
CA LYS C 65 19.79 -11.76 19.95
C LYS C 65 18.79 -10.96 20.80
N GLU C 66 19.08 -9.69 21.03
CA GLU C 66 18.14 -8.82 21.71
C GLU C 66 17.17 -8.15 20.73
N ILE C 67 17.41 -8.33 19.44
CA ILE C 67 16.60 -7.67 18.39
C ILE C 67 15.54 -8.61 17.83
N HIS C 68 14.29 -8.18 17.90
CA HIS C 68 13.19 -8.89 17.28
C HIS C 68 12.42 -7.88 16.44
N LEU C 69 12.78 -7.77 15.15
CA LEU C 69 11.99 -6.97 14.24
C LEU C 69 10.60 -7.59 14.27
N TYR C 70 9.59 -6.90 13.78
CA TYR C 70 8.22 -7.49 13.74
C TYR C 70 7.51 -7.60 15.07
N GLN C 71 8.26 -7.38 16.16
CA GLN C 71 7.68 -7.36 17.51
C GLN C 71 7.82 -5.98 18.09
N THR C 72 6.72 -5.42 18.58
CA THR C 72 6.69 -4.06 19.09
C THR C 72 7.70 -3.80 20.22
N PHE C 73 8.65 -2.90 19.94
CA PHE C 73 9.75 -2.57 20.83
C PHE C 73 9.40 -1.29 21.57
N VAL C 74 9.39 -1.37 22.90
CA VAL C 74 9.12 -0.23 23.76
C VAL C 74 10.41 0.15 24.50
N VAL C 75 10.84 1.41 24.32
CA VAL C 75 12.00 1.95 25.05
C VAL C 75 11.58 2.98 26.07
N GLN C 76 12.22 2.92 27.23
CA GLN C 76 11.90 3.81 28.30
C GLN C 76 13.15 4.51 28.84
N LEU C 77 13.12 5.84 28.83
CA LEU C 77 14.13 6.65 29.46
C LEU C 77 13.64 7.04 30.83
N GLN C 78 14.54 6.99 31.80
CA GLN C 78 14.17 7.18 33.19
C GLN C 78 15.15 8.06 33.93
N ASP C 79 14.60 9.07 34.61
CA ASP C 79 15.33 9.87 35.57
C ASP C 79 15.63 9.00 36.79
N PRO C 80 16.91 8.82 37.10
CA PRO C 80 17.33 7.95 38.20
C PRO C 80 16.98 8.52 39.58
N ARG C 81 16.82 9.84 39.65
CA ARG C 81 16.52 10.53 40.91
C ARG C 81 15.00 10.64 41.15
N GLU C 82 14.23 10.68 40.07
CA GLU C 82 12.77 10.75 40.19
C GLU C 82 12.04 9.78 39.25
N PRO C 83 11.43 8.75 39.85
CA PRO C 83 10.74 7.69 39.09
C PRO C 83 9.68 8.18 38.11
N ARG C 84 8.94 9.23 38.49
CA ARG C 84 7.83 9.73 37.66
C ARG C 84 8.28 10.40 36.37
N ARG C 85 9.51 10.90 36.33
CA ARG C 85 10.06 11.44 35.08
C ARG C 85 10.62 10.31 34.18
N GLN C 86 9.69 9.63 33.52
CA GLN C 86 10.00 8.58 32.56
C GLN C 86 9.29 8.90 31.26
N ALA C 87 9.92 8.55 30.14
CA ALA C 87 9.32 8.67 28.83
C ALA C 87 9.50 7.37 28.04
N THR C 88 8.45 6.94 27.34
CA THR C 88 8.48 5.71 26.59
C THR C 88 8.09 5.96 25.16
N GLN C 89 8.72 5.21 24.25
CA GLN C 89 8.37 5.24 22.86
C GLN C 89 8.12 3.82 22.38
N MET C 90 7.05 3.65 21.59
CA MET C 90 6.79 2.40 20.91
C MET C 90 7.38 2.47 19.51
N LEU C 91 8.25 1.52 19.21
CA LEU C 91 8.99 1.50 17.95
C LEU C 91 8.77 0.21 17.19
N LYS C 92 8.77 0.35 15.86
CA LYS C 92 8.73 -0.77 14.94
C LYS C 92 10.13 -0.89 14.37
N LEU C 93 10.85 -1.92 14.81
CA LEU C 93 12.27 -2.07 14.48
C LEU C 93 12.57 -2.40 13.02
N GLN C 94 11.57 -2.88 12.28
CA GLN C 94 11.77 -3.21 10.87
C GLN C 94 11.67 -1.95 10.02
N ASN C 95 11.17 -0.87 10.63
CA ASN C 95 11.17 0.45 9.99
C ASN C 95 12.43 1.24 10.30
N LEU C 96 13.34 0.61 11.04
CA LEU C 96 14.55 1.29 11.56
C LEU C 96 15.81 0.54 11.20
N VAL C 97 15.69 -0.44 10.31
CA VAL C 97 16.88 -1.13 9.81
C VAL C 97 17.64 -0.25 8.81
N ILE C 98 18.96 -0.17 8.99
CA ILE C 98 19.84 0.51 8.04
C ILE C 98 20.84 -0.47 7.44
N PRO C 99 20.83 -0.62 6.12
CA PRO C 99 21.76 -1.53 5.44
C PRO C 99 23.15 -0.92 5.36
N TRP C 100 24.18 -1.75 5.37
CA TRP C 100 25.51 -1.33 4.94
C TRP C 100 25.43 -0.95 3.47
N ALA C 101 26.28 -0.02 3.03
CA ALA C 101 26.20 0.57 1.70
C ALA C 101 26.45 -0.49 0.63
N PRO C 102 25.87 -0.31 -0.56
CA PRO C 102 26.18 -1.16 -1.70
C PRO C 102 27.69 -1.27 -1.97
N GLU C 103 28.11 -2.42 -2.48
CA GLU C 103 29.52 -2.69 -2.74
C GLU C 103 29.74 -3.39 -4.06
N ASN C 104 31.01 -3.57 -4.43
CA ASN C 104 31.41 -4.21 -5.70
C ASN C 104 30.67 -3.62 -6.90
N LEU C 105 30.64 -2.28 -6.96
CA LEU C 105 30.08 -1.60 -8.12
C LEU C 105 30.91 -1.87 -9.36
N THR C 106 30.32 -2.56 -10.33
CA THR C 106 30.92 -2.76 -11.64
C THR C 106 30.03 -2.19 -12.74
N LEU C 107 30.68 -1.73 -13.81
CA LEU C 107 30.02 -1.35 -15.05
C LEU C 107 30.43 -2.34 -16.15
N HIS C 108 29.51 -2.56 -17.09
CA HIS C 108 29.69 -3.60 -18.10
C HIS C 108 28.84 -3.26 -19.30
N LYS C 109 29.45 -3.37 -20.49
CA LYS C 109 28.80 -3.02 -21.75
C LYS C 109 28.07 -4.22 -22.32
N LEU C 110 26.84 -4.01 -22.76
CA LEU C 110 26.15 -4.99 -23.60
C LEU C 110 25.99 -4.48 -25.03
N SER C 111 26.52 -3.28 -25.24
CA SER C 111 26.60 -2.64 -26.53
C SER C 111 27.69 -1.60 -26.37
N GLU C 112 28.15 -1.04 -27.47
CA GLU C 112 29.13 0.04 -27.41
C GLU C 112 28.55 1.31 -26.76
N SER C 113 27.22 1.37 -26.61
CA SER C 113 26.54 2.54 -26.04
C SER C 113 25.44 2.20 -25.04
N GLN C 114 25.50 0.98 -24.47
CA GLN C 114 24.60 0.56 -23.42
C GLN C 114 25.42 -0.05 -22.31
N LEU C 115 25.28 0.49 -21.11
CA LEU C 115 25.96 -0.11 -19.98
C LEU C 115 25.05 -0.55 -18.88
N GLU C 116 25.57 -1.45 -18.06
CA GLU C 116 24.84 -2.00 -16.95
C GLU C 116 25.66 -1.87 -15.67
N LEU C 117 25.07 -1.19 -14.71
CA LEU C 117 25.65 -1.03 -13.39
C LEU C 117 25.20 -2.21 -12.52
N ASN C 118 26.14 -2.87 -11.86
CA ASN C 118 25.83 -3.93 -10.91
C ASN C 118 26.49 -3.65 -9.56
N TRP C 119 25.95 -4.25 -8.50
CA TRP C 119 26.50 -4.12 -7.15
C TRP C 119 26.01 -5.21 -6.21
N ASN C 120 26.65 -5.26 -5.04
CA ASN C 120 26.37 -6.22 -3.98
C ASN C 120 26.01 -5.52 -2.67
N ASN C 121 25.18 -6.17 -1.86
CA ASN C 121 24.96 -5.76 -0.47
C ASN C 121 25.29 -6.91 0.46
N ARG C 122 25.77 -6.59 1.65
CA ARG C 122 26.24 -7.61 2.59
C ARG C 122 25.25 -8.75 2.78
N PHE C 123 24.15 -8.52 3.50
CA PHE C 123 23.33 -9.69 3.87
C PHE C 123 21.91 -9.78 3.31
N LEU C 124 21.14 -8.73 3.50
CA LEU C 124 19.77 -8.72 3.03
C LEU C 124 19.88 -8.73 1.51
N ASN C 125 18.76 -8.82 0.78
CA ASN C 125 18.80 -8.74 -0.72
C ASN C 125 17.42 -8.56 -1.34
N HIS C 126 16.57 -9.58 -1.20
CA HIS C 126 15.16 -9.43 -1.52
C HIS C 126 14.49 -8.41 -0.60
N CYS C 127 15.18 -8.02 0.47
CA CYS C 127 14.66 -7.08 1.46
C CYS C 127 15.06 -5.63 1.20
N LEU C 128 15.72 -5.39 0.08
CA LEU C 128 16.31 -4.11 -0.20
C LEU C 128 15.81 -3.52 -1.49
N GLU C 129 15.62 -2.21 -1.47
CA GLU C 129 15.45 -1.42 -2.70
C GLU C 129 16.63 -0.47 -2.79
N HIS C 130 16.80 0.17 -3.94
CA HIS C 130 17.99 0.98 -4.17
C HIS C 130 17.70 2.32 -4.84
N LEU C 131 18.62 3.25 -4.64
CA LEU C 131 18.61 4.49 -5.36
C LEU C 131 19.90 4.59 -6.09
N VAL C 132 19.81 4.70 -7.41
CA VAL C 132 20.98 4.93 -8.25
C VAL C 132 21.04 6.40 -8.58
N GLN C 133 22.19 7.02 -8.30
CA GLN C 133 22.47 8.35 -8.82
C GLN C 133 23.61 8.33 -9.84
N TYR C 134 23.42 9.01 -10.96
CA TYR C 134 24.54 9.26 -11.87
C TYR C 134 24.52 10.66 -12.45
N ARG C 135 25.70 11.09 -12.89
CA ARG C 135 25.88 12.35 -13.59
C ARG C 135 27.14 12.27 -14.48
N THR C 136 27.19 13.12 -15.50
CA THR C 136 28.38 13.27 -16.33
C THR C 136 29.19 14.51 -15.92
N ASP C 137 30.44 14.57 -16.35
CA ASP C 137 31.30 15.75 -16.15
C ASP C 137 30.68 17.04 -16.71
N TRP C 138 29.48 16.89 -17.29
CA TRP C 138 28.80 17.95 -18.00
C TRP C 138 27.51 18.34 -17.29
N ASP C 139 27.08 17.50 -16.32
CA ASP C 139 25.83 17.72 -15.57
C ASP C 139 26.02 18.57 -14.31
N HIS C 140 24.97 19.36 -14.01
CA HIS C 140 24.99 20.26 -12.86
C HIS C 140 24.37 19.58 -11.62
N SER C 141 23.90 18.34 -11.81
CA SER C 141 23.09 17.62 -10.81
C SER C 141 23.08 16.10 -11.06
N TRP C 142 22.65 15.33 -10.05
CA TRP C 142 22.50 13.87 -10.19
C TRP C 142 21.17 13.49 -10.84
N THR C 143 21.24 12.53 -11.76
CA THR C 143 20.06 11.83 -12.25
C THR C 143 19.88 10.65 -11.30
N GLU C 144 18.64 10.44 -10.85
CA GLU C 144 18.36 9.38 -9.89
C GLU C 144 17.34 8.38 -10.42
N GLN C 145 17.43 7.14 -9.98
CA GLN C 145 16.51 6.10 -10.44
C GLN C 145 16.31 5.09 -9.34
N SER C 146 15.05 4.91 -8.95
CA SER C 146 14.64 3.90 -7.95
C SER C 146 14.76 2.48 -8.54
N VAL C 147 15.30 1.57 -7.75
CA VAL C 147 15.58 0.21 -8.24
C VAL C 147 15.09 -0.83 -7.22
N ASP C 148 14.43 -1.87 -7.69
CA ASP C 148 13.92 -2.92 -6.79
C ASP C 148 15.02 -3.93 -6.43
N TYR C 149 14.61 -5.12 -5.99
CA TYR C 149 15.58 -6.14 -5.61
C TYR C 149 16.50 -6.71 -6.71
N ARG C 150 16.26 -6.35 -7.98
CA ARG C 150 17.28 -6.57 -9.02
C ARG C 150 18.20 -5.45 -8.68
N HIS C 151 19.39 -5.77 -8.21
CA HIS C 151 20.26 -4.70 -7.79
C HIS C 151 21.13 -4.45 -9.02
N LYS C 152 20.45 -4.20 -10.15
CA LYS C 152 21.04 -3.89 -11.46
C LYS C 152 20.53 -2.52 -11.87
N PHE C 153 21.23 -1.87 -12.79
CA PHE C 153 20.70 -0.66 -13.42
C PHE C 153 21.14 -0.53 -14.88
N SER C 154 20.17 -0.47 -15.81
CA SER C 154 20.44 -0.29 -17.25
C SER C 154 20.61 1.17 -17.63
N LEU C 155 21.71 1.46 -18.30
CA LEU C 155 21.86 2.73 -19.02
C LEU C 155 21.91 2.51 -20.55
N PRO C 156 20.76 2.69 -21.21
CA PRO C 156 20.58 2.34 -22.63
C PRO C 156 21.16 3.30 -23.67
N SER C 157 21.61 4.47 -23.23
CA SER C 157 22.20 5.41 -24.17
C SER C 157 23.24 6.27 -23.48
N VAL C 158 24.50 5.93 -23.70
CA VAL C 158 25.61 6.60 -23.03
C VAL C 158 26.51 7.29 -24.05
N ASP C 159 27.14 8.39 -23.63
CA ASP C 159 28.05 9.18 -24.47
C ASP C 159 29.50 8.88 -24.10
N GLY C 160 30.24 8.28 -25.03
CA GLY C 160 31.67 7.98 -24.85
C GLY C 160 32.56 9.20 -24.62
N GLN C 161 32.15 10.33 -25.20
CA GLN C 161 32.87 11.59 -25.06
C GLN C 161 32.76 12.20 -23.65
N LYS C 162 31.73 11.81 -22.91
CA LYS C 162 31.52 12.33 -21.55
C LYS C 162 32.04 11.36 -20.48
N ARG C 163 32.35 11.92 -19.30
CA ARG C 163 32.75 11.08 -18.18
C ARG C 163 31.62 10.95 -17.16
N TYR C 164 31.23 9.71 -16.87
CA TYR C 164 30.15 9.41 -15.92
C TYR C 164 30.66 9.10 -14.51
N THR C 165 29.89 9.53 -13.52
CA THR C 165 30.05 9.09 -12.13
C THR C 165 28.73 8.44 -11.66
N PHE C 166 28.84 7.25 -11.08
CA PHE C 166 27.70 6.51 -10.54
C PHE C 166 27.88 6.27 -9.04
N ARG C 167 26.78 6.36 -8.29
CA ARG C 167 26.76 5.89 -6.90
C ARG C 167 25.39 5.34 -6.56
N VAL C 168 25.35 4.44 -5.58
CA VAL C 168 24.14 3.72 -5.20
C VAL C 168 24.04 3.70 -3.67
N ARG C 169 22.82 3.85 -3.15
CA ARG C 169 22.51 3.53 -1.75
C ARG C 169 21.30 2.59 -1.63
N SER C 170 21.17 1.95 -0.46
CA SER C 170 20.14 0.95 -0.24
C SER C 170 19.25 1.25 0.97
N ARG C 171 18.11 0.57 1.02
CA ARG C 171 17.07 0.83 2.00
C ARG C 171 16.23 -0.42 2.25
N PHE C 172 15.88 -0.65 3.52
CA PHE C 172 15.12 -1.82 3.96
C PHE C 172 13.62 -1.52 3.87
N ASN C 173 13.10 -1.53 2.63
CA ASN C 173 11.72 -1.12 2.32
C ASN C 173 11.43 -1.64 0.90
N PRO C 174 10.19 -1.94 0.49
CA PRO C 174 9.00 -2.13 1.33
C PRO C 174 8.61 -3.56 1.70
N LEU C 175 9.41 -4.56 1.32
CA LEU C 175 8.95 -5.96 1.41
C LEU C 175 9.15 -6.61 2.78
N CYS C 176 10.23 -6.23 3.45
CA CYS C 176 10.60 -6.82 4.72
C CYS C 176 10.54 -5.81 5.86
N GLY C 177 10.25 -4.56 5.51
CA GLY C 177 10.12 -3.45 6.45
C GLY C 177 9.75 -2.20 5.69
N SER C 178 9.48 -1.12 6.43
CA SER C 178 9.15 0.16 5.82
C SER C 178 10.10 1.28 6.32
N ALA C 179 11.40 1.01 6.22
CA ALA C 179 12.42 1.98 6.60
C ALA C 179 12.36 3.22 5.72
N GLN C 180 12.57 4.37 6.35
CA GLN C 180 12.57 5.67 5.68
C GLN C 180 14.01 6.07 5.37
N HIS C 181 14.95 5.58 6.19
CA HIS C 181 16.37 5.97 6.09
C HIS C 181 17.19 5.07 5.19
N TRP C 182 18.08 5.69 4.42
CA TRP C 182 18.90 5.01 3.44
C TRP C 182 20.25 4.64 4.05
N SER C 183 20.88 3.59 3.53
CA SER C 183 22.28 3.34 3.80
C SER C 183 23.09 4.58 3.39
N GLU C 184 24.35 4.60 3.80
CA GLU C 184 25.29 5.55 3.24
C GLU C 184 25.56 5.23 1.75
N TRP C 185 26.08 6.21 1.02
CA TRP C 185 26.41 6.03 -0.39
C TRP C 185 27.56 5.05 -0.57
N SER C 186 27.49 4.23 -1.61
CA SER C 186 28.63 3.42 -2.05
C SER C 186 29.83 4.30 -2.39
N HIS C 187 30.98 3.67 -2.60
CA HIS C 187 32.05 4.37 -3.28
C HIS C 187 31.56 4.67 -4.70
N PRO C 188 31.73 5.91 -5.16
CA PRO C 188 31.35 6.27 -6.54
C PRO C 188 32.26 5.54 -7.53
N ILE C 189 31.75 5.23 -8.71
CA ILE C 189 32.60 4.71 -9.80
C ILE C 189 32.39 5.50 -11.07
N HIS C 190 33.35 5.40 -11.98
CA HIS C 190 33.42 6.28 -13.13
C HIS C 190 33.57 5.52 -14.43
N TRP C 191 33.00 6.11 -15.48
CA TRP C 191 33.10 5.58 -16.83
C TRP C 191 33.55 6.71 -17.73
N GLU D 1 -23.76 16.89 3.94
CA GLU D 1 -23.99 15.58 4.62
C GLU D 1 -22.70 15.05 5.26
N LEU D 2 -22.00 15.93 5.98
CA LEU D 2 -20.67 15.62 6.50
C LEU D 2 -20.59 15.81 8.03
N CYS D 3 -20.68 17.07 8.48
CA CYS D 3 -20.80 17.46 9.91
C CYS D 3 -19.61 17.07 10.83
N ASP D 4 -18.59 17.92 10.81
CA ASP D 4 -17.25 17.62 11.37
C ASP D 4 -17.21 17.19 12.84
N ASP D 5 -17.46 18.12 13.76
CA ASP D 5 -17.32 17.87 15.19
C ASP D 5 -18.58 17.27 15.82
N ASP D 6 -18.62 17.22 17.16
CA ASP D 6 -19.83 16.81 17.88
C ASP D 6 -20.40 17.96 18.74
N PRO D 7 -21.68 17.86 19.14
CA PRO D 7 -22.34 18.90 19.91
C PRO D 7 -21.59 19.30 21.19
N PRO D 8 -21.64 20.59 21.56
CA PRO D 8 -20.94 21.09 22.74
C PRO D 8 -21.40 20.41 24.03
N GLU D 9 -20.51 20.35 25.02
CA GLU D 9 -20.86 19.82 26.32
C GLU D 9 -21.38 20.98 27.16
N ILE D 10 -22.57 20.79 27.74
CA ILE D 10 -23.11 21.76 28.69
C ILE D 10 -22.95 21.18 30.09
N PRO D 11 -22.32 21.93 31.00
CA PRO D 11 -22.10 21.45 32.37
C PRO D 11 -23.42 21.07 33.03
N HIS D 12 -23.43 19.88 33.63
CA HIS D 12 -24.59 19.33 34.33
C HIS D 12 -25.83 19.14 33.44
N ALA D 13 -25.58 18.85 32.16
CA ALA D 13 -26.64 18.55 31.22
C ALA D 13 -26.18 17.50 30.20
N THR D 14 -27.14 16.78 29.63
CA THR D 14 -26.86 15.85 28.53
C THR D 14 -27.72 16.26 27.34
N PHE D 15 -27.43 15.68 26.18
CA PHE D 15 -28.24 15.91 25.00
C PHE D 15 -28.70 14.62 24.32
N LYS D 16 -29.84 14.70 23.63
CA LYS D 16 -30.38 13.57 22.87
C LYS D 16 -31.06 14.16 21.64
N ALA D 17 -31.16 13.35 20.59
CA ALA D 17 -31.98 13.68 19.44
C ALA D 17 -33.25 12.83 19.48
N MET D 18 -34.38 13.40 19.08
CA MET D 18 -35.62 12.62 18.99
C MET D 18 -35.74 11.95 17.63
N ALA D 19 -35.29 12.64 16.60
CA ALA D 19 -35.34 12.11 15.23
C ALA D 19 -34.01 12.34 14.52
N TYR D 20 -33.47 11.26 13.95
CA TYR D 20 -32.15 11.29 13.31
C TYR D 20 -32.25 11.44 11.79
N LYS D 21 -31.54 12.42 11.24
CA LYS D 21 -31.53 12.68 9.81
C LYS D 21 -30.78 11.60 9.04
N GLU D 22 -31.08 11.44 7.74
CA GLU D 22 -30.40 10.45 6.93
C GLU D 22 -28.93 10.81 6.70
N GLY D 23 -28.05 9.83 6.90
CA GLY D 23 -26.61 10.05 6.89
C GLY D 23 -26.00 9.95 8.28
N THR D 24 -26.84 9.90 9.31
CA THR D 24 -26.37 9.67 10.67
C THR D 24 -25.85 8.24 10.83
N MET D 25 -24.78 8.09 11.61
CA MET D 25 -24.19 6.79 11.89
C MET D 25 -24.17 6.50 13.38
N LEU D 26 -24.67 5.32 13.76
CA LEU D 26 -24.54 4.84 15.13
C LEU D 26 -23.49 3.74 15.24
N ASN D 27 -22.47 3.97 16.05
CA ASN D 27 -21.42 2.98 16.31
C ASN D 27 -21.92 1.68 16.91
N CYS D 28 -21.16 0.62 16.70
CA CYS D 28 -21.44 -0.68 17.27
C CYS D 28 -20.45 -0.94 18.39
N GLU D 29 -20.71 -0.32 19.54
CA GLU D 29 -19.82 -0.43 20.69
C GLU D 29 -20.42 -1.40 21.70
N CYS D 30 -19.55 -2.14 22.38
CA CYS D 30 -19.98 -3.13 23.34
C CYS D 30 -19.58 -2.79 24.77
N LYS D 31 -20.36 -3.32 25.72
CA LYS D 31 -20.11 -3.20 27.14
C LYS D 31 -18.78 -3.85 27.51
N ARG D 32 -18.28 -3.55 28.70
CA ARG D 32 -17.05 -4.15 29.22
C ARG D 32 -17.21 -5.67 29.35
N GLY D 33 -16.24 -6.42 28.82
CA GLY D 33 -16.33 -7.87 28.76
C GLY D 33 -17.05 -8.38 27.53
N PHE D 34 -17.31 -7.48 26.59
CA PHE D 34 -18.01 -7.83 25.35
C PHE D 34 -17.37 -7.14 24.15
N ARG D 35 -17.36 -7.85 23.03
CA ARG D 35 -16.83 -7.32 21.77
C ARG D 35 -17.86 -7.54 20.67
N ARG D 36 -17.93 -6.63 19.71
CA ARG D 36 -18.80 -6.85 18.54
C ARG D 36 -18.40 -8.16 17.87
N ILE D 37 -19.38 -8.85 17.31
CA ILE D 37 -19.19 -10.18 16.73
C ILE D 37 -18.13 -10.16 15.64
N LYS D 38 -17.53 -11.31 15.35
CA LYS D 38 -16.60 -11.43 14.23
C LYS D 38 -17.33 -11.07 12.94
N SER D 39 -16.65 -10.33 12.08
CA SER D 39 -17.19 -9.87 10.80
C SER D 39 -18.39 -8.94 10.97
N GLY D 40 -18.55 -8.37 12.17
CA GLY D 40 -19.64 -7.45 12.47
C GLY D 40 -19.52 -6.11 11.76
N SER D 41 -20.59 -5.32 11.81
CA SER D 41 -20.60 -3.97 11.24
C SER D 41 -20.01 -3.01 12.26
N LEU D 42 -19.22 -2.05 11.79
CA LEU D 42 -18.64 -1.07 12.71
C LEU D 42 -19.67 -0.01 13.12
N TYR D 43 -20.68 0.18 12.28
CA TYR D 43 -21.74 1.15 12.55
C TYR D 43 -23.05 0.72 11.91
N MET D 44 -24.11 1.49 12.19
CA MET D 44 -25.37 1.38 11.49
C MET D 44 -25.56 2.68 10.74
N LEU D 45 -26.00 2.61 9.48
CA LEU D 45 -26.16 3.80 8.65
C LEU D 45 -27.62 4.06 8.28
N CYS D 46 -28.09 5.27 8.59
CA CYS D 46 -29.45 5.67 8.27
C CYS D 46 -29.60 5.99 6.79
N THR D 47 -30.58 5.35 6.14
CA THR D 47 -30.87 5.58 4.72
C THR D 47 -32.38 5.54 4.49
N SER D 53 -36.95 5.92 5.44
CA SER D 53 -35.58 5.72 5.93
C SER D 53 -35.50 4.62 6.98
N SER D 54 -34.42 3.85 6.92
CA SER D 54 -34.12 2.81 7.91
C SER D 54 -32.61 2.69 8.10
N TRP D 55 -32.20 1.83 9.02
CA TRP D 55 -30.78 1.61 9.29
C TRP D 55 -30.25 0.41 8.48
N ASP D 56 -29.18 0.64 7.73
CA ASP D 56 -28.66 -0.34 6.77
C ASP D 56 -27.90 -1.51 7.38
N ASN D 57 -27.46 -1.36 8.63
CA ASN D 57 -26.78 -2.45 9.33
C ASN D 57 -27.40 -2.79 10.68
N GLN D 58 -26.80 -3.75 11.38
CA GLN D 58 -27.29 -4.17 12.69
C GLN D 58 -26.12 -4.53 13.61
N CYS D 59 -26.05 -3.83 14.74
CA CYS D 59 -25.01 -4.07 15.75
C CYS D 59 -25.31 -5.28 16.60
N GLN D 60 -24.26 -6.01 16.96
CA GLN D 60 -24.39 -7.21 17.80
C GLN D 60 -23.13 -7.45 18.61
N CYS D 61 -23.29 -7.99 19.81
CA CYS D 61 -22.17 -8.21 20.74
C CYS D 61 -22.05 -9.65 21.22
N THR D 62 -20.81 -10.06 21.49
CA THR D 62 -20.53 -11.35 22.13
C THR D 62 -19.47 -11.15 23.22
N SER D 63 -19.45 -12.07 24.20
CA SER D 63 -18.45 -12.06 25.27
C SER D 63 -17.03 -12.09 24.69
N SER D 64 -16.11 -11.36 25.33
CA SER D 64 -14.73 -11.24 24.86
C SER D 64 -13.89 -12.48 25.15
N HIS D 103 -35.86 10.17 7.55
CA HIS D 103 -35.53 10.26 8.97
C HIS D 103 -35.65 8.91 9.67
N CYS D 104 -34.78 8.70 10.66
CA CYS D 104 -34.72 7.46 11.44
C CYS D 104 -35.15 7.66 12.89
N ARG D 105 -35.66 6.58 13.49
CA ARG D 105 -36.07 6.58 14.89
C ARG D 105 -34.91 6.03 15.72
N GLU D 106 -34.95 6.25 17.04
CA GLU D 106 -33.96 5.69 17.95
C GLU D 106 -33.98 4.16 17.84
N PRO D 107 -32.85 3.59 17.41
CA PRO D 107 -32.75 2.15 17.15
C PRO D 107 -32.95 1.30 18.42
N PRO D 108 -33.54 0.12 18.28
CA PRO D 108 -33.78 -0.79 19.40
C PRO D 108 -32.49 -1.18 20.15
N PRO D 109 -32.57 -1.31 21.48
CA PRO D 109 -31.40 -1.64 22.29
C PRO D 109 -30.97 -3.10 22.12
N TRP D 110 -29.80 -3.31 21.50
CA TRP D 110 -29.31 -4.65 21.23
C TRP D 110 -28.60 -5.29 22.42
N GLU D 111 -28.75 -6.61 22.55
CA GLU D 111 -28.28 -7.43 23.69
C GLU D 111 -27.35 -6.72 24.68
N ASN D 112 -26.06 -6.65 24.35
CA ASN D 112 -25.09 -5.95 25.18
C ASN D 112 -24.62 -4.69 24.50
N GLU D 113 -24.31 -3.66 25.28
CA GLU D 113 -23.99 -2.35 24.74
C GLU D 113 -23.12 -1.53 25.67
N ALA D 114 -22.29 -0.67 25.08
CA ALA D 114 -21.68 0.43 25.81
C ALA D 114 -22.81 1.34 26.32
N THR D 115 -22.62 1.91 27.50
CA THR D 115 -23.65 2.75 28.12
C THR D 115 -23.93 3.98 27.26
N GLU D 116 -22.87 4.58 26.73
CA GLU D 116 -22.99 5.76 25.86
C GLU D 116 -22.99 5.36 24.38
N ARG D 117 -24.07 5.75 23.69
CA ARG D 117 -24.18 5.52 22.26
C ARG D 117 -23.41 6.59 21.49
N ILE D 118 -22.51 6.13 20.63
CA ILE D 118 -21.71 7.04 19.80
C ILE D 118 -22.40 7.29 18.46
N TYR D 119 -22.76 8.55 18.21
CA TYR D 119 -23.41 8.93 16.96
C TYR D 119 -22.51 9.81 16.10
N HIS D 120 -22.76 9.75 14.80
CA HIS D 120 -22.23 10.73 13.86
C HIS D 120 -23.44 11.36 13.22
N PHE D 121 -23.62 12.66 13.44
CA PHE D 121 -24.77 13.37 12.88
C PHE D 121 -24.39 14.06 11.58
N VAL D 122 -25.40 14.58 10.89
CA VAL D 122 -25.20 15.32 9.63
C VAL D 122 -25.87 16.69 9.70
N VAL D 123 -25.44 17.60 8.82
CA VAL D 123 -26.00 18.96 8.76
C VAL D 123 -27.52 18.98 8.81
N GLY D 124 -28.06 19.84 9.67
CA GLY D 124 -29.50 19.93 9.87
C GLY D 124 -29.98 19.18 11.08
N GLN D 125 -29.12 18.34 11.64
CA GLN D 125 -29.45 17.62 12.86
C GLN D 125 -29.63 18.60 14.01
N MET D 126 -30.80 18.52 14.65
CA MET D 126 -31.11 19.29 15.85
C MET D 126 -30.87 18.35 17.02
N VAL D 127 -30.39 18.90 18.14
CA VAL D 127 -30.09 18.10 19.33
C VAL D 127 -30.55 18.80 20.62
N TYR D 128 -31.47 18.15 21.34
CA TYR D 128 -32.10 18.71 22.55
C TYR D 128 -31.24 18.54 23.80
N TYR D 129 -31.10 19.61 24.58
CA TYR D 129 -30.35 19.57 25.84
C TYR D 129 -31.27 19.63 27.05
N GLN D 130 -30.88 18.95 28.13
CA GLN D 130 -31.60 19.04 29.40
C GLN D 130 -30.72 18.77 30.63
N CYS D 131 -30.92 19.58 31.66
CA CYS D 131 -30.22 19.43 32.92
C CYS D 131 -30.56 18.09 33.57
N VAL D 132 -29.52 17.34 33.92
CA VAL D 132 -29.67 16.01 34.52
C VAL D 132 -30.46 16.06 35.84
N GLN D 133 -31.19 14.98 36.11
CA GLN D 133 -32.10 14.88 37.28
C GLN D 133 -31.51 15.39 38.61
N GLY D 134 -32.05 16.51 39.08
CA GLY D 134 -31.57 17.16 40.29
C GLY D 134 -31.00 18.54 40.04
N TYR D 135 -31.02 18.97 38.78
CA TYR D 135 -30.44 20.25 38.39
C TYR D 135 -31.47 21.20 37.77
N ARG D 136 -31.39 22.46 38.19
CA ARG D 136 -32.30 23.51 37.76
C ARG D 136 -31.78 24.18 36.49
N ALA D 137 -32.69 24.35 35.51
CA ALA D 137 -32.34 24.89 34.20
C ALA D 137 -32.60 26.39 34.07
N LEU D 138 -31.59 27.13 33.62
CA LEU D 138 -31.75 28.55 33.32
C LEU D 138 -31.62 28.79 31.82
N HIS D 139 -32.72 29.19 31.20
CA HIS D 139 -32.79 29.39 29.77
C HIS D 139 -32.69 30.85 29.36
N ARG D 140 -31.91 31.09 28.33
CA ARG D 140 -31.85 32.38 27.63
C ARG D 140 -31.68 32.05 26.15
N GLY D 141 -32.77 31.80 25.46
CA GLY D 141 -32.70 31.36 24.07
C GLY D 141 -32.81 29.85 23.94
N PRO D 142 -32.65 29.35 22.71
CA PRO D 142 -32.90 27.95 22.39
C PRO D 142 -32.08 26.97 23.23
N ALA D 143 -32.71 25.84 23.57
CA ALA D 143 -32.04 24.79 24.34
C ALA D 143 -31.63 23.61 23.46
N GLU D 144 -31.38 23.90 22.19
CA GLU D 144 -30.93 22.90 21.24
C GLU D 144 -29.69 23.37 20.48
N SER D 145 -28.96 22.40 19.92
CA SER D 145 -27.85 22.64 19.02
C SER D 145 -28.16 22.09 17.63
N VAL D 146 -27.93 22.89 16.60
CA VAL D 146 -28.19 22.49 15.22
C VAL D 146 -26.91 22.52 14.39
N CYS D 147 -26.63 21.42 13.69
CA CYS D 147 -25.46 21.34 12.81
C CYS D 147 -25.71 22.13 11.54
N LYS D 148 -24.97 23.22 11.37
CA LYS D 148 -25.08 24.10 10.21
C LYS D 148 -23.85 23.95 9.31
N MET D 149 -23.91 24.55 8.13
CA MET D 149 -22.84 24.43 7.13
C MET D 149 -22.50 25.79 6.56
N THR D 150 -21.30 26.29 6.86
CA THR D 150 -20.83 27.57 6.31
C THR D 150 -20.19 27.34 4.94
N HIS D 151 -19.16 28.12 4.62
CA HIS D 151 -18.43 27.95 3.37
C HIS D 151 -17.49 26.74 3.46
N GLY D 152 -18.08 25.55 3.56
CA GLY D 152 -17.33 24.30 3.64
C GLY D 152 -17.00 23.84 5.05
N LYS D 153 -17.35 24.66 6.05
CA LYS D 153 -17.07 24.32 7.45
C LYS D 153 -18.33 24.17 8.30
N THR D 154 -18.59 22.93 8.74
CA THR D 154 -19.73 22.67 9.61
C THR D 154 -19.47 23.10 11.05
N ARG D 155 -20.54 23.40 11.75
CA ARG D 155 -20.48 23.82 13.15
C ARG D 155 -21.79 23.47 13.86
N TRP D 156 -21.73 23.40 15.19
CA TRP D 156 -22.90 23.24 16.03
C TRP D 156 -23.20 24.55 16.72
N THR D 157 -24.47 24.98 16.66
CA THR D 157 -24.92 26.19 17.36
C THR D 157 -24.83 26.00 18.88
N GLN D 158 -24.79 27.11 19.60
CA GLN D 158 -24.61 27.06 21.04
C GLN D 158 -25.94 27.08 21.79
N PRO D 159 -26.24 25.98 22.49
CA PRO D 159 -27.43 25.90 23.33
C PRO D 159 -27.38 26.94 24.45
N GLN D 160 -28.43 27.76 24.56
CA GLN D 160 -28.42 28.90 25.47
C GLN D 160 -28.96 28.56 26.88
N LEU D 161 -28.24 27.66 27.55
CA LEU D 161 -28.73 26.98 28.75
C LEU D 161 -27.65 26.80 29.81
N ILE D 162 -27.99 27.17 31.04
CA ILE D 162 -27.10 27.02 32.18
C ILE D 162 -27.76 26.13 33.22
N CYS D 163 -27.00 25.15 33.72
CA CYS D 163 -27.48 24.20 34.73
C CYS D 163 -26.82 24.36 36.09
N THR D 164 -27.65 24.59 37.11
CA THR D 164 -27.21 24.73 38.49
C THR D 164 -27.99 23.77 39.38
N GLY D 165 -27.36 23.31 40.47
CA GLY D 165 -28.03 22.44 41.44
C GLY D 165 -29.07 23.19 42.27
C1 NAG E . 13.91 12.95 -18.33
C2 NAG E . 14.94 13.17 -17.24
C3 NAG E . 14.45 12.57 -15.92
C4 NAG E . 13.04 13.02 -15.54
C5 NAG E . 12.14 12.83 -16.77
C6 NAG E . 10.67 13.23 -16.56
C7 NAG E . 17.35 13.21 -17.66
C8 NAG E . 18.62 12.41 -17.72
N2 NAG E . 16.19 12.54 -17.62
O3 NAG E . 15.36 12.83 -14.89
O4 NAG E . 12.64 12.12 -14.53
O5 NAG E . 12.67 13.49 -17.89
O6 NAG E . 10.56 14.63 -16.56
O7 NAG E . 17.39 14.43 -17.64
C1 NAG E . 12.14 12.78 -13.36
C2 NAG E . 11.40 11.70 -12.55
C3 NAG E . 11.08 12.14 -11.11
C4 NAG E . 12.30 12.77 -10.46
C5 NAG E . 12.89 13.87 -11.34
C6 NAG E . 14.17 14.45 -10.72
C7 NAG E . 10.11 9.97 -13.68
C8 NAG E . 8.79 9.47 -14.17
N2 NAG E . 10.20 11.23 -13.24
O3 NAG E . 10.73 11.02 -10.34
O4 NAG E . 11.94 13.25 -9.18
O5 NAG E . 13.21 13.35 -12.62
O6 NAG E . 15.28 13.61 -10.95
O7 NAG E . 11.06 9.21 -13.68
C1 NAG F . 26.93 2.51 17.40
C2 NAG F . 27.49 3.53 16.39
C3 NAG F . 29.02 3.58 16.39
C4 NAG F . 29.62 3.61 17.81
C5 NAG F . 28.90 2.60 18.71
C6 NAG F . 29.39 2.67 20.16
C7 NAG F . 27.31 2.26 14.27
C8 NAG F . 27.01 2.40 12.81
N2 NAG F . 27.00 3.31 15.04
O3 NAG F . 29.45 4.72 15.68
O4 NAG F . 30.99 3.28 17.71
O5 NAG F . 27.50 2.78 18.66
O6 NAG F . 28.99 3.90 20.73
O7 NAG F . 27.81 1.23 14.70
C1 NAG F . 31.87 4.41 17.90
C2 NAG F . 33.12 4.04 18.72
C3 NAG F . 34.15 5.18 18.71
C4 NAG F . 33.56 6.51 18.22
C5 NAG F . 32.82 6.34 16.88
C6 NAG F . 33.68 6.77 15.68
C7 NAG F . 33.41 2.72 20.77
C8 NAG F . 34.52 1.93 20.11
N2 NAG F . 32.78 3.68 20.08
O3 NAG F . 35.25 4.80 17.90
O4 NAG F . 32.69 7.06 19.19
O5 NAG F . 32.33 5.01 16.70
O6 NAG F . 35.05 6.89 16.00
O7 NAG F . 33.10 2.46 21.93
C1 NAG G . 27.48 7.84 35.13
C2 NAG G . 28.03 8.63 36.33
C3 NAG G . 29.55 8.45 36.41
C4 NAG G . 29.87 6.96 36.55
C5 NAG G . 29.31 6.28 35.31
C6 NAG G . 29.63 4.78 35.21
C7 NAG G . 26.81 10.64 37.14
C8 NAG G . 25.83 9.80 37.93
N2 NAG G . 27.66 10.03 36.29
O3 NAG G . 30.08 9.19 37.47
O4 NAG G . 31.26 6.77 36.71
O5 NAG G . 27.89 6.48 35.27
O6 NAG G . 28.72 4.01 35.96
O7 NAG G . 26.80 11.86 37.27
C1 NAG H . 31.77 -8.19 -8.43
C2 NAG H . 32.31 -9.59 -8.09
C3 NAG H . 32.68 -10.39 -9.34
C4 NAG H . 31.54 -10.35 -10.35
C5 NAG H . 31.14 -8.89 -10.63
C6 NAG H . 30.05 -8.74 -11.69
C7 NAG H . 33.40 -10.00 -5.97
C8 NAG H . 34.01 -11.35 -5.77
N2 NAG H . 33.46 -9.51 -7.21
O3 NAG H . 32.96 -11.74 -8.99
O4 NAG H . 31.97 -11.03 -11.53
O5 NAG H . 30.74 -8.30 -9.40
O6 NAG H . 28.84 -9.33 -11.28
O7 NAG H . 32.87 -9.40 -5.05
#